data_3E9Z
#
_entry.id   3E9Z
#
_cell.length_a   46.821
_cell.length_b   118.121
_cell.length_c   129.055
_cell.angle_alpha   90.00
_cell.angle_beta   90.00
_cell.angle_gamma   90.00
#
_symmetry.space_group_name_H-M   'P 21 21 21'
#
loop_
_entity.id
_entity.type
_entity.pdbx_description
1 polymer 'Purine-nucleoside phosphorylase'
2 non-polymer 'DIMETHYL SULFOXIDE'
3 non-polymer 'SULFATE ION'
4 non-polymer 6-chloroguanine
5 non-polymer 'ACETATE ION'
6 water water
#
_entity_poly.entity_id   1
_entity_poly.type   'polypeptide(L)'
_entity_poly.pdbx_seq_one_letter_code
;MHESVTANIENVKKVAHHIQKLTSIVPEIGIICGSGLGKLADGVKDKITIPYTKIPNFPQTSVVGHSGNLIFGTLSGRKV
VVMQGRFHMYEGYSNDTVALPIRVMKLLGVKILMVSNAAGGLNRSLKLGDFVILKDHIYLPGLGLNNILVGPNQEAFGTR
FPALSNAYDRDLRKLAVQVAEENGFGNLVHQGVYVMNGGPCYETPAECTMLLNMGCDVVGMSTIPEVVIARHCGIQVFAV
SLVTNISVLDVESDLKPNHEEVLATGAQRAELMQSWFEKIIEKLPKD
;
_entity_poly.pdbx_strand_id   A,B,C
#
loop_
_chem_comp.id
_chem_comp.type
_chem_comp.name
_chem_comp.formula
6GU non-polymer 6-chloroguanine 'C5 H4 Cl N5'
ACT non-polymer 'ACETATE ION' 'C2 H3 O2 -1'
DMS non-polymer 'DIMETHYL SULFOXIDE' 'C2 H6 O S'
SO4 non-polymer 'SULFATE ION' 'O4 S -2'
#
# COMPACT_ATOMS: atom_id res chain seq x y z
N VAL A 5 -16.15 15.68 4.97
CA VAL A 5 -16.14 17.01 4.37
C VAL A 5 -14.88 17.23 3.55
N THR A 6 -15.03 17.41 2.25
CA THR A 6 -13.90 17.54 1.35
C THR A 6 -13.02 18.71 1.76
N ALA A 7 -11.71 18.48 1.76
CA ALA A 7 -10.75 19.52 2.10
C ALA A 7 -10.50 20.45 0.94
N ASN A 8 -11.59 20.97 0.37
CA ASN A 8 -11.47 21.91 -0.74
C ASN A 8 -11.41 23.34 -0.23
N ILE A 9 -11.13 24.30 -1.13
CA ILE A 9 -10.96 25.68 -0.74
C ILE A 9 -12.19 26.20 0.00
N GLU A 10 -13.38 25.80 -0.45
CA GLU A 10 -14.64 26.29 0.11
C GLU A 10 -14.85 25.87 1.58
N ASN A 11 -14.67 24.59 1.86
CA ASN A 11 -14.87 24.08 3.21
C ASN A 11 -13.75 24.56 4.13
N VAL A 12 -12.52 24.53 3.64
CA VAL A 12 -11.38 25.01 4.43
C VAL A 12 -11.56 26.47 4.81
N LYS A 13 -12.05 27.27 3.87
CA LYS A 13 -12.31 28.68 4.12
C LYS A 13 -13.35 28.85 5.20
N LYS A 14 -14.43 28.07 5.11
CA LYS A 14 -15.50 28.13 6.10
C LYS A 14 -14.96 27.86 7.49
N VAL A 15 -14.20 26.79 7.63
CA VAL A 15 -13.64 26.46 8.93
C VAL A 15 -12.69 27.55 9.38
N ALA A 16 -11.80 27.96 8.49
CA ALA A 16 -10.84 29.01 8.80
C ALA A 16 -11.56 30.28 9.26
N HIS A 17 -12.60 30.65 8.52
CA HIS A 17 -13.34 31.87 8.83
C HIS A 17 -13.99 31.76 10.18
N HIS A 18 -14.50 30.58 10.50
CA HIS A 18 -15.13 30.38 11.79
C HIS A 18 -14.11 30.59 12.89
N ILE A 19 -12.93 30.01 12.71
CA ILE A 19 -11.89 30.08 13.71
C ILE A 19 -11.47 31.53 13.89
N GLN A 20 -11.46 32.26 12.78
CA GLN A 20 -11.03 33.65 12.80
C GLN A 20 -12.03 34.55 13.51
N LYS A 21 -13.24 34.02 13.69
CA LYS A 21 -14.25 34.70 14.47
C LYS A 21 -14.09 34.42 15.98
N LEU A 22 -13.27 33.42 16.32
CA LEU A 22 -13.08 33.03 17.71
C LEU A 22 -11.77 33.57 18.25
N THR A 23 -10.81 33.81 17.36
CA THR A 23 -9.52 34.29 17.79
C THR A 23 -9.01 35.37 16.87
N SER A 24 -8.25 36.28 17.44
CA SER A 24 -7.65 37.36 16.67
C SER A 24 -6.25 36.91 16.25
N ILE A 25 -5.74 35.87 16.92
CA ILE A 25 -4.40 35.38 16.64
C ILE A 25 -4.28 34.85 15.22
N VAL A 26 -3.43 35.49 14.42
CA VAL A 26 -3.02 34.97 13.12
C VAL A 26 -1.73 34.16 13.29
N PRO A 27 -1.85 32.82 13.25
CA PRO A 27 -0.71 31.94 13.58
C PRO A 27 0.29 31.95 12.47
N GLU A 28 1.58 32.00 12.80
CA GLU A 28 2.60 31.92 11.77
C GLU A 28 3.16 30.53 11.79
N ILE A 29 3.04 29.91 12.95
CA ILE A 29 3.59 28.59 13.16
C ILE A 29 2.49 27.69 13.65
N GLY A 30 2.38 26.52 13.05
CA GLY A 30 1.45 25.52 13.49
C GLY A 30 2.25 24.37 14.06
N ILE A 31 1.75 23.80 15.14
CA ILE A 31 2.43 22.73 15.82
C ILE A 31 1.47 21.58 16.04
N ILE A 32 1.85 20.41 15.56
CA ILE A 32 1.06 19.23 15.77
C ILE A 32 1.72 18.45 16.88
N CYS A 33 1.07 18.40 18.03
CA CYS A 33 1.61 17.72 19.20
C CYS A 33 1.57 16.22 18.99
N GLY A 34 2.72 15.58 19.01
CA GLY A 34 2.68 14.15 18.92
C GLY A 34 2.99 13.56 20.26
N SER A 35 4.28 13.33 20.40
CA SER A 35 4.87 12.66 21.53
C SER A 35 5.93 13.64 21.94
N GLY A 36 6.07 13.81 23.25
CA GLY A 36 6.99 14.78 23.78
C GLY A 36 6.40 16.17 23.67
N LEU A 37 5.22 16.28 23.04
CA LEU A 37 4.63 17.59 22.90
C LEU A 37 3.30 17.79 23.62
N GLY A 38 2.89 16.85 24.45
CA GLY A 38 1.66 17.10 25.18
C GLY A 38 1.81 18.41 25.94
N LYS A 39 3.02 18.64 26.43
CA LYS A 39 3.31 19.82 27.24
C LYS A 39 3.31 21.13 26.47
N LEU A 40 3.69 21.08 25.20
CA LEU A 40 3.87 22.30 24.41
C LEU A 40 2.72 23.26 24.64
N ALA A 41 1.51 22.79 24.40
CA ALA A 41 0.31 23.63 24.54
C ALA A 41 0.32 24.43 25.85
N ASP A 42 0.78 23.79 26.92
CA ASP A 42 0.85 24.42 28.24
C ASP A 42 1.69 25.72 28.26
N GLY A 43 2.75 25.76 27.47
CA GLY A 43 3.65 26.90 27.46
C GLY A 43 3.11 28.07 26.68
N VAL A 44 2.02 27.82 25.96
CA VAL A 44 1.45 28.85 25.11
C VAL A 44 0.84 29.94 25.97
N LYS A 45 1.14 31.18 25.62
CA LYS A 45 0.71 32.33 26.40
C LYS A 45 -0.38 33.11 25.67
N ASP A 46 -1.24 33.78 26.44
CA ASP A 46 -2.32 34.55 25.87
C ASP A 46 -3.09 33.68 24.91
N LYS A 47 -3.43 32.49 25.36
CA LYS A 47 -3.96 31.47 24.47
C LYS A 47 -5.47 31.39 24.49
N ILE A 48 -6.03 31.08 23.33
CA ILE A 48 -7.41 30.66 23.22
C ILE A 48 -7.42 29.18 22.94
N THR A 49 -8.20 28.43 23.68
CA THR A 49 -8.33 27.01 23.41
C THR A 49 -9.67 26.75 22.74
N ILE A 50 -9.61 26.28 21.50
CA ILE A 50 -10.82 26.00 20.73
C ILE A 50 -10.97 24.50 20.53
N PRO A 51 -11.82 23.85 21.32
CA PRO A 51 -12.03 22.42 21.15
C PRO A 51 -12.53 22.17 19.72
N TYR A 52 -12.15 21.04 19.12
CA TYR A 52 -12.58 20.74 17.76
C TYR A 52 -14.10 20.70 17.69
N THR A 53 -14.72 20.32 18.80
CA THR A 53 -16.17 20.17 18.86
C THR A 53 -16.88 21.48 18.60
N LYS A 54 -16.16 22.58 18.79
CA LYS A 54 -16.75 23.90 18.64
C LYS A 54 -16.47 24.50 17.26
N ILE A 55 -15.83 23.73 16.39
CA ILE A 55 -15.55 24.19 15.03
C ILE A 55 -16.35 23.43 14.00
N PRO A 56 -17.39 24.08 13.45
CA PRO A 56 -18.25 23.41 12.46
C PRO A 56 -17.39 22.85 11.33
N ASN A 57 -17.69 21.64 10.90
CA ASN A 57 -17.00 21.03 9.75
C ASN A 57 -15.54 20.70 10.01
N PHE A 58 -15.10 20.91 11.24
CA PHE A 58 -13.76 20.49 11.61
C PHE A 58 -13.83 19.03 12.02
N PRO A 59 -12.82 18.25 11.64
CA PRO A 59 -12.81 16.83 11.99
C PRO A 59 -12.80 16.68 13.51
N GLN A 60 -13.43 15.61 14.01
CA GLN A 60 -13.50 15.33 15.43
C GLN A 60 -12.59 14.16 15.82
N THR A 61 -11.78 14.36 16.85
CA THR A 61 -10.89 13.33 17.40
C THR A 61 -11.18 13.24 18.90
N SER A 62 -10.56 14.02 19.78
CA SER A 62 -10.74 13.69 21.20
C SER A 62 -9.46 13.91 21.97
N HIS A 66 -10.73 14.13 26.27
CA HIS A 66 -11.64 14.05 25.13
C HIS A 66 -11.73 15.38 24.36
N SER A 67 -12.31 15.32 23.17
CA SER A 67 -12.11 16.29 22.09
C SER A 67 -10.73 16.97 22.03
N GLY A 68 -10.09 16.86 20.88
CA GLY A 68 -8.88 17.61 20.66
C GLY A 68 -9.14 19.09 20.67
N ASN A 69 -8.06 19.85 20.80
CA ASN A 69 -8.12 21.30 20.83
C ASN A 69 -7.22 21.96 19.80
N LEU A 70 -7.68 23.09 19.30
CA LEU A 70 -6.85 23.97 18.54
C LEU A 70 -6.46 25.07 19.51
N ILE A 71 -5.17 25.26 19.72
CA ILE A 71 -4.74 26.24 20.71
C ILE A 71 -3.98 27.39 20.05
N PHE A 72 -4.53 28.58 20.17
CA PHE A 72 -3.87 29.77 19.66
C PHE A 72 -3.26 30.56 20.78
N GLY A 73 -2.17 31.24 20.46
CA GLY A 73 -1.49 32.06 21.44
C GLY A 73 -0.08 32.35 20.95
N THR A 74 0.79 32.76 21.86
CA THR A 74 2.16 33.01 21.48
C THR A 74 3.07 32.05 22.21
N LEU A 75 4.18 31.74 21.56
CA LEU A 75 5.17 30.85 22.13
C LEU A 75 6.48 31.46 21.71
N SER A 76 7.36 31.74 22.66
CA SER A 76 8.62 32.38 22.33
C SER A 76 8.36 33.57 21.40
N GLY A 77 7.35 34.37 21.74
CA GLY A 77 7.08 35.61 21.04
C GLY A 77 6.58 35.43 19.62
N ARG A 78 6.09 34.25 19.31
CA ARG A 78 5.58 33.98 17.98
C ARG A 78 4.15 33.47 18.08
N LYS A 79 3.31 33.89 17.14
CA LYS A 79 1.92 33.47 17.10
C LYS A 79 1.83 32.04 16.59
N VAL A 80 1.18 31.20 17.37
CA VAL A 80 1.14 29.78 17.04
C VAL A 80 -0.27 29.25 17.09
N VAL A 81 -0.50 28.23 16.28
CA VAL A 81 -1.67 27.41 16.43
C VAL A 81 -1.14 26.01 16.74
N VAL A 82 -1.63 25.42 17.82
CA VAL A 82 -1.20 24.10 18.23
C VAL A 82 -2.34 23.11 18.10
N MET A 83 -2.13 22.05 17.33
CA MET A 83 -3.09 20.97 17.27
C MET A 83 -2.88 19.99 18.41
N GLN A 84 -3.87 19.91 19.29
CA GLN A 84 -3.81 18.94 20.36
C GLN A 84 -4.84 17.88 20.02
N GLY A 85 -4.39 16.81 19.38
CA GLY A 85 -5.30 15.79 18.89
C GLY A 85 -5.12 15.66 17.40
N ARG A 86 -4.55 14.55 16.98
CA ARG A 86 -4.27 14.33 15.55
C ARG A 86 -5.19 13.29 14.99
N PHE A 87 -5.19 13.19 13.67
CA PHE A 87 -6.04 12.25 12.97
C PHE A 87 -5.15 11.23 12.30
N HIS A 88 -4.97 10.11 12.98
CA HIS A 88 -4.15 9.04 12.43
C HIS A 88 -4.97 8.18 11.51
N MET A 89 -4.40 7.87 10.36
CA MET A 89 -5.08 7.08 9.33
C MET A 89 -5.49 5.70 9.85
N TYR A 90 -4.73 5.16 10.80
CA TYR A 90 -5.08 3.84 11.32
C TYR A 90 -6.41 3.89 12.07
N GLU A 91 -6.82 5.08 12.50
CA GLU A 91 -8.13 5.22 13.13
C GLU A 91 -9.27 5.16 12.11
N GLY A 92 -8.95 5.33 10.83
CA GLY A 92 -9.96 5.24 9.78
C GLY A 92 -10.40 6.57 9.23
N TYR A 93 -9.68 7.63 9.61
CA TYR A 93 -9.96 8.95 9.09
C TYR A 93 -9.66 8.98 7.59
N SER A 94 -10.39 9.82 6.88
CA SER A 94 -10.22 9.96 5.45
C SER A 94 -9.05 10.89 5.15
N ASN A 95 -8.61 10.84 3.91
CA ASN A 95 -7.64 11.79 3.41
C ASN A 95 -8.09 13.23 3.71
N ASP A 96 -9.35 13.52 3.42
CA ASP A 96 -9.89 14.86 3.58
C ASP A 96 -9.92 15.26 5.05
N THR A 97 -10.28 14.33 5.92
CA THR A 97 -10.27 14.63 7.33
C THR A 97 -8.87 14.99 7.81
N VAL A 98 -7.87 14.25 7.36
CA VAL A 98 -6.51 14.50 7.80
C VAL A 98 -5.97 15.79 7.18
N ALA A 99 -6.34 16.05 5.94
CA ALA A 99 -5.78 17.17 5.21
C ALA A 99 -6.39 18.47 5.69
N LEU A 100 -7.64 18.43 6.11
CA LEU A 100 -8.36 19.67 6.35
C LEU A 100 -7.68 20.61 7.36
N PRO A 101 -7.28 20.09 8.53
CA PRO A 101 -6.66 20.99 9.52
C PRO A 101 -5.39 21.66 9.01
N ILE A 102 -4.59 20.95 8.23
CA ILE A 102 -3.38 21.54 7.67
C ILE A 102 -3.75 22.67 6.71
N ARG A 103 -4.74 22.42 5.89
CA ARG A 103 -5.16 23.41 4.92
C ARG A 103 -5.81 24.57 5.64
N VAL A 104 -6.47 24.29 6.76
CA VAL A 104 -7.01 25.34 7.59
C VAL A 104 -5.88 26.19 8.16
N MET A 105 -4.82 25.54 8.63
CA MET A 105 -3.64 26.25 9.08
C MET A 105 -3.09 27.14 7.98
N LYS A 106 -3.04 26.61 6.78
CA LYS A 106 -2.55 27.40 5.66
C LYS A 106 -3.36 28.72 5.54
N LEU A 107 -4.67 28.60 5.51
CA LEU A 107 -5.53 29.76 5.38
C LEU A 107 -5.41 30.68 6.58
N LEU A 108 -5.14 30.12 7.76
CA LEU A 108 -5.02 30.93 8.96
C LEU A 108 -3.74 31.75 9.00
N GLY A 109 -2.77 31.41 8.14
CA GLY A 109 -1.52 32.16 8.08
C GLY A 109 -0.28 31.34 8.41
N VAL A 110 -0.48 30.07 8.75
CA VAL A 110 0.65 29.21 9.08
C VAL A 110 1.66 29.13 7.93
N LYS A 111 2.92 29.37 8.26
CA LYS A 111 3.99 29.28 7.28
C LYS A 111 4.92 28.12 7.58
N ILE A 112 4.97 27.73 8.85
CA ILE A 112 5.83 26.66 9.29
C ILE A 112 5.06 25.68 10.14
N LEU A 113 5.16 24.41 9.78
CA LEU A 113 4.50 23.34 10.53
C LEU A 113 5.58 22.60 11.30
N MET A 114 5.41 22.52 12.61
CA MET A 114 6.31 21.74 13.44
C MET A 114 5.54 20.58 14.01
N VAL A 115 6.04 19.39 13.79
CA VAL A 115 5.33 18.23 14.26
C VAL A 115 6.27 17.25 14.93
N SER A 116 5.79 16.60 15.98
CA SER A 116 6.50 15.52 16.60
C SER A 116 5.66 14.26 16.49
N ASN A 117 6.31 13.13 16.66
CA ASN A 117 5.61 11.87 16.73
C ASN A 117 6.43 10.88 17.53
N ALA A 118 5.82 9.75 17.85
CA ALA A 118 6.55 8.66 18.49
C ALA A 118 6.95 7.72 17.38
N ALA A 119 8.13 7.16 17.48
CA ALA A 119 8.55 6.23 16.44
C ALA A 119 9.39 5.12 17.01
N GLY A 120 9.42 4.01 16.29
CA GLY A 120 10.28 2.90 16.67
C GLY A 120 11.63 3.18 16.06
N GLY A 121 12.68 3.02 16.87
CA GLY A 121 14.03 3.21 16.41
C GLY A 121 14.48 1.98 15.64
N LEU A 122 14.62 2.14 14.34
CA LEU A 122 15.13 1.06 13.51
C LEU A 122 16.64 1.10 13.46
N ASN A 123 17.16 2.30 13.23
CA ASN A 123 18.59 2.52 13.20
C ASN A 123 19.21 2.02 14.51
N ARG A 124 20.21 1.15 14.38
CA ARG A 124 20.75 0.44 15.53
C ARG A 124 21.55 1.36 16.43
N SER A 125 21.74 2.59 16.01
CA SER A 125 22.55 3.51 16.77
C SER A 125 21.65 4.40 17.61
N LEU A 126 20.35 4.22 17.47
CA LEU A 126 19.39 5.04 18.22
C LEU A 126 19.21 4.54 19.66
N LYS A 127 18.97 5.49 20.55
CA LYS A 127 18.71 5.16 21.94
C LYS A 127 17.30 5.57 22.27
N LEU A 128 16.67 4.83 23.17
CA LEU A 128 15.37 5.19 23.68
C LEU A 128 15.41 6.66 24.07
N GLY A 129 14.39 7.42 23.68
CA GLY A 129 14.29 8.83 24.00
C GLY A 129 15.19 9.75 23.17
N ASP A 130 15.85 9.21 22.16
CA ASP A 130 16.55 10.06 21.20
C ASP A 130 15.54 10.83 20.37
N PHE A 131 15.99 11.95 19.82
CA PHE A 131 15.19 12.74 18.91
C PHE A 131 15.72 12.52 17.51
N VAL A 132 14.83 12.08 16.63
CA VAL A 132 15.22 11.92 15.26
C VAL A 132 14.46 12.92 14.46
N ILE A 133 15.15 13.97 14.06
CA ILE A 133 14.61 14.95 13.12
C ILE A 133 14.40 14.25 11.79
N LEU A 134 13.23 14.42 11.23
CA LEU A 134 12.99 13.86 9.91
C LEU A 134 13.71 14.71 8.88
N LYS A 135 14.59 14.08 8.11
CA LYS A 135 15.18 14.76 6.97
C LYS A 135 14.62 14.19 5.68
N ASP A 136 13.90 13.08 5.80
CA ASP A 136 13.24 12.50 4.64
C ASP A 136 12.28 11.44 5.14
N HIS A 137 11.44 10.93 4.26
CA HIS A 137 10.51 9.89 4.65
C HIS A 137 10.29 8.89 3.55
N ILE A 138 9.70 7.76 3.93
CA ILE A 138 9.28 6.76 2.97
C ILE A 138 7.83 6.50 3.31
N TYR A 139 6.98 6.87 2.38
CA TYR A 139 5.55 6.94 2.59
C TYR A 139 4.96 5.68 2.01
N LEU A 140 5.09 4.58 2.74
CA LEU A 140 4.67 3.30 2.20
C LEU A 140 3.22 3.31 1.75
N PRO A 141 2.32 3.86 2.57
CA PRO A 141 0.94 3.97 2.11
C PRO A 141 0.83 4.81 0.83
N GLY A 142 1.64 5.84 0.71
CA GLY A 142 1.63 6.71 -0.46
C GLY A 142 2.13 6.00 -1.72
N LEU A 143 3.16 5.18 -1.55
CA LEU A 143 3.69 4.41 -2.67
C LEU A 143 2.66 3.38 -3.11
N GLY A 144 1.81 2.99 -2.17
CA GLY A 144 0.92 1.87 -2.36
C GLY A 144 -0.50 2.27 -2.72
N LEU A 145 -0.66 3.52 -3.15
CA LEU A 145 -1.97 4.02 -3.60
C LEU A 145 -2.87 4.53 -2.47
N ASN A 146 -2.30 4.72 -1.28
CA ASN A 146 -3.06 5.36 -0.20
C ASN A 146 -2.46 6.69 0.20
N ASN A 147 -1.90 7.40 -0.79
CA ASN A 147 -1.40 8.74 -0.57
C ASN A 147 -2.55 9.66 -0.20
N ILE A 148 -2.36 10.51 0.80
CA ILE A 148 -3.41 11.42 1.21
C ILE A 148 -3.92 12.31 0.06
N LEU A 149 -3.10 12.50 -0.97
CA LEU A 149 -3.47 13.41 -2.06
C LEU A 149 -4.24 12.72 -3.16
N VAL A 150 -4.40 11.39 -3.05
CA VAL A 150 -5.17 10.67 -4.04
C VAL A 150 -6.58 11.22 -4.07
N GLY A 151 -7.07 11.43 -5.28
CA GLY A 151 -8.35 12.07 -5.46
C GLY A 151 -8.13 13.30 -6.29
N PRO A 152 -9.21 14.00 -6.63
CA PRO A 152 -9.11 15.28 -7.35
C PRO A 152 -8.14 16.19 -6.61
N ASN A 153 -7.19 16.77 -7.33
CA ASN A 153 -6.33 17.74 -6.71
C ASN A 153 -7.10 19.02 -6.37
N GLN A 154 -6.88 19.55 -5.17
CA GLN A 154 -7.49 20.82 -4.80
C GLN A 154 -6.51 21.91 -5.20
N GLU A 155 -6.76 22.50 -6.38
CA GLU A 155 -5.83 23.42 -7.01
C GLU A 155 -5.53 24.66 -6.16
N ALA A 156 -6.51 25.09 -5.37
CA ALA A 156 -6.37 26.27 -4.53
C ALA A 156 -5.19 26.12 -3.58
N PHE A 157 -4.91 24.88 -3.21
CA PHE A 157 -3.92 24.62 -2.19
C PHE A 157 -2.57 24.24 -2.74
N GLY A 158 -2.55 23.52 -3.85
CA GLY A 158 -1.29 23.14 -4.44
C GLY A 158 -1.42 22.36 -5.72
N THR A 159 -0.29 21.88 -6.20
CA THR A 159 -0.20 21.32 -7.54
C THR A 159 -0.61 19.85 -7.55
N ARG A 160 -0.94 19.32 -8.71
CA ARG A 160 -1.33 17.92 -8.81
C ARG A 160 -0.22 16.97 -8.38
N PHE A 161 1.01 17.25 -8.79
CA PHE A 161 2.18 16.39 -8.51
C PHE A 161 3.20 17.17 -7.66
N PRO A 162 2.96 17.22 -6.36
CA PRO A 162 3.91 17.95 -5.52
C PRO A 162 5.25 17.23 -5.48
N ALA A 163 6.32 18.02 -5.51
CA ALA A 163 7.65 17.48 -5.30
C ALA A 163 7.88 17.48 -3.80
N LEU A 164 8.51 16.43 -3.32
CA LEU A 164 8.81 16.30 -1.91
C LEU A 164 10.29 16.54 -1.63
N SER A 165 10.96 17.25 -2.53
CA SER A 165 12.31 17.75 -2.27
C SER A 165 12.31 18.79 -1.15
N ASN A 166 13.27 18.64 -0.25
CA ASN A 166 13.34 19.55 0.87
C ASN A 166 12.01 19.59 1.60
N ALA A 167 11.30 18.46 1.60
CA ALA A 167 10.08 18.34 2.37
C ALA A 167 10.35 18.71 3.82
N TYR A 168 11.47 18.25 4.34
CA TYR A 168 11.85 18.58 5.70
C TYR A 168 12.89 19.65 5.65
N ASP A 169 12.39 20.88 5.70
CA ASP A 169 13.16 22.07 5.43
C ASP A 169 14.53 22.00 6.04
N ARG A 170 15.56 21.97 5.19
CA ARG A 170 16.94 21.84 5.63
C ARG A 170 17.34 22.95 6.59
N ASP A 171 16.86 24.17 6.35
CA ASP A 171 17.20 25.28 7.22
C ASP A 171 16.62 25.08 8.61
N LEU A 172 15.38 24.60 8.67
CA LEU A 172 14.75 24.36 9.94
C LEU A 172 15.47 23.22 10.64
N ARG A 173 15.94 22.25 9.87
CA ARG A 173 16.63 21.11 10.45
C ARG A 173 17.94 21.57 11.06
N LYS A 174 18.66 22.40 10.31
CA LYS A 174 19.92 22.97 10.77
C LYS A 174 19.70 23.74 12.06
N LEU A 175 18.70 24.59 12.06
CA LEU A 175 18.31 25.35 13.24
C LEU A 175 18.07 24.44 14.45
N ALA A 176 17.21 23.45 14.27
CA ALA A 176 16.86 22.53 15.35
C ALA A 176 18.09 21.88 15.95
N VAL A 177 19.03 21.50 15.08
CA VAL A 177 20.25 20.85 15.52
C VAL A 177 21.11 21.84 16.31
N GLN A 178 21.25 23.04 15.77
CA GLN A 178 21.97 24.08 16.47
C GLN A 178 21.38 24.35 17.86
N VAL A 179 20.06 24.43 17.93
CA VAL A 179 19.40 24.73 19.19
C VAL A 179 19.65 23.60 20.19
N ALA A 180 19.54 22.36 19.73
CA ALA A 180 19.87 21.23 20.55
C ALA A 180 21.32 21.33 21.03
N GLU A 181 22.25 21.52 20.08
CA GLU A 181 23.66 21.65 20.41
C GLU A 181 23.90 22.70 21.48
N GLU A 182 23.31 23.87 21.30
CA GLU A 182 23.53 25.02 22.18
C GLU A 182 23.00 24.77 23.57
N ASN A 183 21.91 24.01 23.65
CA ASN A 183 21.26 23.81 24.93
C ASN A 183 21.64 22.47 25.54
N GLY A 184 22.73 21.91 25.02
CA GLY A 184 23.38 20.76 25.61
C GLY A 184 22.70 19.41 25.47
N PHE A 185 21.95 19.22 24.39
CA PHE A 185 21.40 17.89 24.12
C PHE A 185 21.54 17.48 22.67
N GLY A 186 22.60 17.98 22.03
CA GLY A 186 22.91 17.58 20.67
C GLY A 186 23.11 16.08 20.60
N ASN A 187 23.53 15.48 21.70
CA ASN A 187 23.81 14.05 21.74
C ASN A 187 22.56 13.18 21.58
N LEU A 188 21.41 13.79 21.81
CA LEU A 188 20.15 13.06 21.70
C LEU A 188 19.58 13.23 20.30
N VAL A 189 20.17 14.13 19.53
CA VAL A 189 19.55 14.56 18.28
C VAL A 189 20.21 13.95 17.05
N HIS A 190 19.39 13.28 16.25
CA HIS A 190 19.79 12.67 15.00
C HIS A 190 18.89 13.19 13.89
N GLN A 191 19.32 13.00 12.66
CA GLN A 191 18.46 13.23 11.53
C GLN A 191 18.34 11.92 10.83
N GLY A 192 17.17 11.65 10.26
CA GLY A 192 16.92 10.34 9.75
C GLY A 192 15.75 10.27 8.80
N VAL A 193 15.61 9.10 8.21
CA VAL A 193 14.48 8.80 7.34
C VAL A 193 13.39 8.13 8.14
N TYR A 194 12.20 8.71 8.10
CA TYR A 194 11.04 8.15 8.76
C TYR A 194 10.25 7.37 7.72
N VAL A 195 9.90 6.14 8.05
CA VAL A 195 9.00 5.38 7.20
C VAL A 195 7.67 5.19 7.93
N MET A 196 6.59 5.44 7.20
CA MET A 196 5.29 5.27 7.76
C MET A 196 4.78 3.86 7.54
N ASN A 197 4.48 3.19 8.65
CA ASN A 197 3.66 2.00 8.65
C ASN A 197 2.24 2.46 8.94
N GLY A 198 1.32 2.10 8.06
CA GLY A 198 -0.07 2.49 8.20
C GLY A 198 -0.65 2.14 9.55
N GLY A 199 -0.18 1.03 10.14
CA GLY A 199 -0.58 0.60 11.46
C GLY A 199 -1.99 0.04 11.45
N PRO A 200 -2.54 -0.23 12.64
CA PRO A 200 -2.01 0.11 13.96
C PRO A 200 -1.15 -0.98 14.59
N CYS A 201 -0.90 -2.08 13.89
CA CYS A 201 0.02 -3.06 14.41
C CYS A 201 1.42 -2.46 14.49
N TYR A 202 2.11 -2.71 15.59
CA TYR A 202 3.55 -2.51 15.59
C TYR A 202 4.17 -3.41 14.53
N GLU A 203 5.36 -3.06 14.09
CA GLU A 203 6.02 -3.82 13.04
C GLU A 203 6.58 -5.14 13.56
N THR A 204 6.40 -6.20 12.79
CA THR A 204 7.06 -7.45 13.10
C THR A 204 8.57 -7.28 12.98
N PRO A 205 9.32 -8.21 13.55
CA PRO A 205 10.77 -8.14 13.44
C PRO A 205 11.21 -8.22 11.99
N ALA A 206 10.49 -9.00 11.19
CA ALA A 206 10.80 -9.12 9.76
C ALA A 206 10.51 -7.81 9.05
N GLU A 207 9.41 -7.15 9.41
CA GLU A 207 9.13 -5.82 8.87
C GLU A 207 10.21 -4.79 9.23
N CYS A 208 10.60 -4.77 10.50
CA CYS A 208 11.62 -3.82 10.94
C CYS A 208 12.93 -4.07 10.22
N THR A 209 13.28 -5.33 10.06
CA THR A 209 14.53 -5.66 9.40
C THR A 209 14.49 -5.13 7.97
N MET A 210 13.38 -5.38 7.30
CA MET A 210 13.19 -4.90 5.93
C MET A 210 13.26 -3.39 5.85
N LEU A 211 12.54 -2.73 6.76
CA LEU A 211 12.50 -1.29 6.79
C LEU A 211 13.89 -0.72 7.04
N LEU A 212 14.62 -1.35 7.95
CA LEU A 212 15.95 -0.88 8.25
C LEU A 212 16.80 -1.01 6.99
N ASN A 213 16.73 -2.17 6.34
CA ASN A 213 17.55 -2.39 5.15
C ASN A 213 17.12 -1.51 3.99
N MET A 214 15.89 -1.02 4.04
CA MET A 214 15.40 -0.06 3.05
C MET A 214 16.01 1.32 3.27
N GLY A 215 16.80 1.46 4.32
CA GLY A 215 17.37 2.76 4.67
C GLY A 215 16.51 3.60 5.60
N CYS A 216 15.59 2.96 6.35
CA CYS A 216 14.75 3.70 7.27
C CYS A 216 15.40 3.74 8.64
N ASP A 217 15.31 4.88 9.31
CA ASP A 217 15.88 5.03 10.65
C ASP A 217 14.86 4.88 11.74
N VAL A 218 13.67 5.41 11.49
CA VAL A 218 12.58 5.27 12.45
C VAL A 218 11.32 4.92 11.70
N VAL A 219 10.39 4.26 12.40
CA VAL A 219 9.10 3.89 11.82
C VAL A 219 7.94 4.34 12.71
N GLY A 220 6.91 4.90 12.11
CA GLY A 220 5.74 5.32 12.85
C GLY A 220 4.49 5.24 11.98
N MET A 221 3.37 5.67 12.53
CA MET A 221 2.09 5.52 11.86
C MET A 221 1.46 6.86 11.56
N SER A 222 2.25 7.91 11.59
CA SER A 222 1.68 9.25 11.53
C SER A 222 2.51 10.20 10.69
N THR A 223 2.11 11.47 10.71
CA THR A 223 2.97 12.55 10.24
C THR A 223 3.10 12.68 8.73
N ILE A 224 3.53 11.65 8.00
CA ILE A 224 3.76 11.83 6.57
C ILE A 224 2.54 12.45 5.86
N PRO A 225 1.35 11.94 6.16
CA PRO A 225 0.17 12.50 5.47
C PRO A 225 0.02 14.00 5.75
N GLU A 226 0.22 14.42 6.99
CA GLU A 226 0.21 15.86 7.28
C GLU A 226 1.33 16.59 6.59
N VAL A 227 2.53 16.00 6.58
CA VAL A 227 3.65 16.61 5.91
C VAL A 227 3.33 16.79 4.43
N VAL A 228 2.75 15.75 3.82
CA VAL A 228 2.45 15.80 2.41
C VAL A 228 1.47 16.94 2.10
N ILE A 229 0.41 17.03 2.89
CA ILE A 229 -0.53 18.13 2.75
C ILE A 229 0.11 19.51 2.97
N ALA A 230 0.94 19.62 4.02
CA ALA A 230 1.67 20.84 4.30
C ALA A 230 2.54 21.24 3.11
N ARG A 231 3.38 20.32 2.66
CA ARG A 231 4.25 20.60 1.53
C ARG A 231 3.44 20.99 0.30
N HIS A 232 2.36 20.27 0.09
CA HIS A 232 1.51 20.50 -1.05
C HIS A 232 1.00 21.93 -1.06
N CYS A 233 0.67 22.49 0.11
CA CYS A 233 0.21 23.88 0.13
C CYS A 233 1.29 24.87 0.53
N GLY A 234 2.56 24.45 0.43
CA GLY A 234 3.69 25.34 0.60
C GLY A 234 4.03 25.72 2.03
N ILE A 235 3.51 24.97 2.99
CA ILE A 235 3.90 25.18 4.36
C ILE A 235 5.24 24.50 4.62
N GLN A 236 6.17 25.21 5.24
CA GLN A 236 7.46 24.61 5.50
C GLN A 236 7.32 23.67 6.67
N VAL A 237 8.07 22.58 6.64
CA VAL A 237 7.85 21.52 7.61
C VAL A 237 9.08 21.21 8.46
N PHE A 238 8.85 21.13 9.76
CA PHE A 238 9.85 20.56 10.66
C PHE A 238 9.21 19.45 11.45
N ALA A 239 9.85 18.29 11.45
CA ALA A 239 9.28 17.13 12.08
C ALA A 239 10.34 16.35 12.84
N VAL A 240 9.96 15.87 14.03
CA VAL A 240 10.87 15.11 14.85
C VAL A 240 10.15 13.90 15.36
N SER A 241 10.86 12.78 15.35
CA SER A 241 10.39 11.56 15.98
C SER A 241 11.09 11.43 17.31
N LEU A 242 10.32 11.07 18.31
CA LEU A 242 10.87 10.70 19.57
C LEU A 242 11.02 9.19 19.46
N VAL A 243 12.21 8.68 19.71
CA VAL A 243 12.37 7.25 19.68
C VAL A 243 11.81 6.68 20.97
N THR A 244 10.59 6.15 20.89
CA THR A 244 9.85 5.72 22.08
C THR A 244 10.03 4.24 22.33
N ASN A 245 10.64 3.55 21.38
CA ASN A 245 10.98 2.16 21.55
C ASN A 245 12.01 1.79 20.50
N ILE A 246 12.85 0.81 20.82
CA ILE A 246 13.80 0.31 19.88
C ILE A 246 13.18 -0.88 19.20
N SER A 247 13.17 -0.87 17.87
CA SER A 247 12.50 -1.89 17.13
C SER A 247 13.20 -3.21 17.33
N VAL A 248 12.42 -4.24 17.61
CA VAL A 248 12.92 -5.60 17.67
C VAL A 248 13.05 -6.15 16.26
N LEU A 249 14.25 -6.61 15.92
CA LEU A 249 14.56 -7.06 14.56
C LEU A 249 14.60 -8.57 14.52
N ASP A 250 14.67 -9.16 15.71
CA ASP A 250 14.85 -10.59 15.86
C ASP A 250 13.56 -11.22 16.36
N VAL A 251 12.98 -12.16 15.60
CA VAL A 251 11.75 -12.82 16.07
C VAL A 251 12.01 -13.63 17.30
N GLU A 252 13.21 -14.17 17.40
CA GLU A 252 13.60 -14.90 18.60
C GLU A 252 14.09 -13.89 19.60
N SER A 253 13.19 -13.44 20.45
CA SER A 253 13.52 -12.36 21.33
C SER A 253 12.22 -12.10 22.01
N ASP A 254 12.18 -12.34 23.31
CA ASP A 254 10.97 -12.18 24.11
C ASP A 254 10.61 -10.71 24.15
N LEU A 255 11.60 -9.90 23.83
CA LEU A 255 11.51 -8.46 23.97
C LEU A 255 10.64 -7.86 22.86
N LYS A 256 9.90 -6.81 23.20
CA LYS A 256 8.81 -6.35 22.36
C LYS A 256 8.46 -4.89 22.54
N PRO A 257 7.67 -4.33 21.60
CA PRO A 257 7.09 -3.00 21.76
C PRO A 257 5.97 -3.04 22.78
N ASN A 258 6.00 -2.10 23.70
CA ASN A 258 4.92 -1.97 24.67
C ASN A 258 4.46 -0.53 24.61
N HIS A 259 3.20 -0.36 24.24
CA HIS A 259 2.66 0.96 23.99
C HIS A 259 2.72 1.85 25.23
N GLU A 260 2.65 1.25 26.41
CA GLU A 260 2.67 2.04 27.63
C GLU A 260 4.06 2.61 27.81
N GLU A 261 5.04 1.82 27.44
CA GLU A 261 6.44 2.24 27.43
C GLU A 261 6.71 3.28 26.35
N VAL A 262 6.08 3.12 25.20
CA VAL A 262 6.11 4.16 24.20
C VAL A 262 5.59 5.46 24.80
N LEU A 263 4.40 5.40 25.38
CA LEU A 263 3.80 6.62 25.94
C LEU A 263 4.73 7.20 26.98
N ALA A 264 5.24 6.35 27.88
CA ALA A 264 6.08 6.79 28.99
C ALA A 264 7.35 7.45 28.50
N THR A 265 8.02 6.79 27.56
CA THR A 265 9.26 7.29 26.97
C THR A 265 9.00 8.62 26.32
N GLY A 266 7.90 8.69 25.60
CA GLY A 266 7.45 9.93 25.01
C GLY A 266 7.37 10.99 26.07
N ALA A 267 6.59 10.70 27.12
CA ALA A 267 6.32 11.69 28.16
C ALA A 267 7.57 12.19 28.87
N GLN A 268 8.54 11.30 29.10
CA GLN A 268 9.76 11.65 29.84
C GLN A 268 10.56 12.79 29.21
N ARG A 269 10.31 13.00 27.93
CA ARG A 269 11.11 13.80 27.04
C ARG A 269 10.32 15.03 26.66
N ALA A 270 9.06 15.03 27.08
CA ALA A 270 8.15 16.09 26.70
C ALA A 270 8.67 17.47 27.09
N GLU A 271 9.23 17.57 28.28
CA GLU A 271 9.71 18.84 28.77
C GLU A 271 10.87 19.30 27.91
N LEU A 272 11.80 18.40 27.66
CA LEU A 272 12.94 18.66 26.80
C LEU A 272 12.45 19.05 25.42
N MET A 273 11.53 18.27 24.88
CA MET A 273 11.03 18.52 23.54
C MET A 273 10.25 19.83 23.46
N GLN A 274 9.52 20.13 24.53
CA GLN A 274 8.81 21.41 24.58
C GLN A 274 9.84 22.52 24.53
N SER A 275 10.80 22.47 25.44
CA SER A 275 11.85 23.47 25.47
C SER A 275 12.53 23.61 24.11
N TRP A 276 12.88 22.48 23.51
CA TRP A 276 13.52 22.45 22.20
C TRP A 276 12.69 23.19 21.17
N PHE A 277 11.41 22.87 21.09
CA PHE A 277 10.53 23.52 20.15
C PHE A 277 10.44 25.02 20.43
N GLU A 278 10.22 25.39 21.69
CA GLU A 278 10.16 26.80 22.08
C GLU A 278 11.43 27.54 21.68
N LYS A 279 12.57 26.89 21.87
CA LYS A 279 13.84 27.55 21.56
C LYS A 279 14.08 27.61 20.06
N ILE A 280 13.55 26.65 19.32
CA ILE A 280 13.57 26.71 17.87
C ILE A 280 12.70 27.87 17.40
N ILE A 281 11.49 27.91 17.91
CA ILE A 281 10.52 28.92 17.48
C ILE A 281 11.12 30.29 17.72
N GLU A 282 11.76 30.42 18.87
CA GLU A 282 12.39 31.68 19.26
C GLU A 282 13.39 32.16 18.22
N LYS A 283 14.13 31.24 17.60
CA LYS A 283 15.13 31.64 16.64
C LYS A 283 14.66 31.61 15.19
N LEU A 284 13.40 31.31 14.96
CA LEU A 284 12.91 31.26 13.61
C LEU A 284 13.00 32.66 13.09
N PRO A 285 13.43 32.81 11.83
CA PRO A 285 13.45 34.12 11.21
C PRO A 285 12.03 34.65 11.16
N LYS A 286 11.86 35.96 11.36
CA LYS A 286 10.54 36.58 11.26
C LYS A 286 10.48 37.56 10.10
N ASP A 287 9.36 38.26 9.99
CA ASP A 287 9.13 39.17 8.86
C ASP A 287 8.70 40.54 9.40
N SER B 4 -21.09 -4.95 4.89
CA SER B 4 -20.41 -5.76 5.90
C SER B 4 -20.86 -5.41 7.32
N VAL B 5 -21.09 -6.43 8.13
CA VAL B 5 -21.37 -6.24 9.55
C VAL B 5 -20.09 -6.10 10.37
N THR B 6 -20.03 -5.02 11.14
CA THR B 6 -18.86 -4.70 11.93
C THR B 6 -18.49 -5.84 12.87
N ALA B 7 -17.20 -6.16 12.94
CA ALA B 7 -16.71 -7.21 13.79
C ALA B 7 -16.53 -6.72 15.22
N ASN B 8 -17.57 -6.10 15.76
CA ASN B 8 -17.56 -5.62 17.14
C ASN B 8 -18.08 -6.69 18.08
N ILE B 9 -17.95 -6.44 19.39
CA ILE B 9 -18.31 -7.44 20.38
C ILE B 9 -19.75 -7.90 20.23
N GLU B 10 -20.64 -6.96 19.93
CA GLU B 10 -22.06 -7.23 19.82
C GLU B 10 -22.41 -8.19 18.70
N ASN B 11 -21.90 -7.92 17.51
CA ASN B 11 -22.17 -8.79 16.37
C ASN B 11 -21.49 -10.15 16.49
N VAL B 12 -20.22 -10.12 16.92
CA VAL B 12 -19.48 -11.34 17.13
C VAL B 12 -20.18 -12.24 18.16
N LYS B 13 -20.70 -11.63 19.22
CA LYS B 13 -21.44 -12.37 20.23
C LYS B 13 -22.66 -13.02 19.62
N LYS B 14 -23.40 -12.25 18.82
CA LYS B 14 -24.60 -12.77 18.19
C LYS B 14 -24.28 -14.03 17.37
N VAL B 15 -23.28 -13.94 16.53
CA VAL B 15 -22.90 -15.07 15.70
C VAL B 15 -22.42 -16.23 16.55
N ALA B 16 -21.53 -15.93 17.49
CA ALA B 16 -21.08 -16.96 18.42
C ALA B 16 -22.24 -17.63 19.14
N HIS B 17 -23.17 -16.84 19.65
CA HIS B 17 -24.30 -17.41 20.39
C HIS B 17 -25.14 -18.29 19.49
N HIS B 18 -25.29 -17.86 18.24
CA HIS B 18 -26.06 -18.67 17.32
C HIS B 18 -25.40 -20.03 17.12
N ILE B 19 -24.09 -19.99 16.90
CA ILE B 19 -23.34 -21.23 16.67
C ILE B 19 -23.44 -22.13 17.89
N GLN B 20 -23.42 -21.51 19.06
CA GLN B 20 -23.48 -22.27 20.31
C GLN B 20 -24.83 -22.95 20.50
N LYS B 21 -25.82 -22.51 19.73
CA LYS B 21 -27.14 -23.12 19.76
C LYS B 21 -27.20 -24.31 18.79
N LEU B 22 -26.19 -24.42 17.94
CA LEU B 22 -26.14 -25.48 16.93
C LEU B 22 -25.19 -26.58 17.34
N THR B 23 -24.20 -26.24 18.13
CA THR B 23 -23.26 -27.25 18.58
C THR B 23 -22.97 -27.11 20.06
N SER B 24 -22.63 -28.22 20.69
CA SER B 24 -22.28 -28.23 22.09
C SER B 24 -20.77 -28.14 22.19
N ILE B 25 -20.10 -28.39 21.08
CA ILE B 25 -18.64 -28.39 21.05
C ILE B 25 -18.05 -27.01 21.31
N VAL B 26 -17.28 -26.90 22.39
CA VAL B 26 -16.52 -25.70 22.69
C VAL B 26 -15.14 -25.92 22.15
N PRO B 27 -14.81 -25.27 21.02
CA PRO B 27 -13.55 -25.51 20.33
C PRO B 27 -12.41 -24.87 21.10
N GLU B 28 -11.29 -25.57 21.22
CA GLU B 28 -10.11 -25.01 21.84
C GLU B 28 -9.17 -24.62 20.75
N ILE B 29 -9.31 -25.28 19.61
CA ILE B 29 -8.41 -25.09 18.51
C ILE B 29 -9.23 -24.74 17.28
N GLY B 30 -8.81 -23.70 16.58
CA GLY B 30 -9.47 -23.33 15.36
C GLY B 30 -8.48 -23.63 14.26
N ILE B 31 -8.99 -24.09 13.13
CA ILE B 31 -8.15 -24.41 12.00
C ILE B 31 -8.73 -23.77 10.77
N ILE B 32 -7.90 -23.04 10.06
CA ILE B 32 -8.29 -22.46 8.81
C ILE B 32 -7.62 -23.25 7.70
N CYS B 33 -8.45 -23.99 6.95
CA CYS B 33 -7.95 -24.84 5.89
C CYS B 33 -7.51 -24.00 4.73
N GLY B 34 -6.21 -24.05 4.41
CA GLY B 34 -5.70 -23.51 3.16
C GLY B 34 -5.93 -24.64 2.18
N GLY B 38 -7.45 -29.17 2.52
CA GLY B 38 -8.85 -29.53 2.70
C GLY B 38 -9.28 -30.84 3.29
N LYS B 39 -8.34 -31.76 3.39
CA LYS B 39 -8.62 -33.06 3.96
C LYS B 39 -8.89 -32.99 5.47
N LEU B 40 -8.22 -32.07 6.16
CA LEU B 40 -8.32 -31.95 7.61
C LEU B 40 -9.75 -32.17 8.08
N ALA B 41 -10.66 -31.35 7.58
CA ALA B 41 -12.05 -31.45 7.99
C ALA B 41 -12.53 -32.91 8.03
N ASP B 42 -12.11 -33.69 7.05
CA ASP B 42 -12.55 -35.08 6.91
C ASP B 42 -12.17 -35.94 8.12
N GLY B 43 -11.02 -35.65 8.72
CA GLY B 43 -10.54 -36.40 9.86
C GLY B 43 -11.28 -36.10 11.15
N VAL B 44 -12.07 -35.04 11.13
CA VAL B 44 -12.77 -34.59 12.32
C VAL B 44 -13.84 -35.60 12.70
N LYS B 45 -13.87 -35.96 13.97
CA LYS B 45 -14.81 -36.95 14.48
C LYS B 45 -15.93 -36.31 15.31
N ASP B 46 -17.08 -36.98 15.35
CA ASP B 46 -18.23 -36.48 16.09
C ASP B 46 -18.46 -35.05 15.69
N LYS B 47 -18.47 -34.81 14.38
CA LYS B 47 -18.49 -33.45 13.87
C LYS B 47 -19.87 -32.94 13.50
N ILE B 48 -20.06 -31.65 13.71
CA ILE B 48 -21.20 -30.93 13.21
C ILE B 48 -20.68 -30.05 12.10
N THR B 49 -21.34 -30.09 10.95
CA THR B 49 -20.97 -29.21 9.87
C THR B 49 -22.01 -28.11 9.74
N ILE B 50 -21.57 -26.88 9.98
CA ILE B 50 -22.45 -25.73 9.90
C ILE B 50 -22.05 -24.88 8.71
N PRO B 51 -22.83 -24.95 7.62
CA PRO B 51 -22.54 -24.12 6.45
C PRO B 51 -22.64 -22.65 6.84
N TYR B 52 -21.81 -21.79 6.27
CA TYR B 52 -21.85 -20.38 6.62
C TYR B 52 -23.24 -19.81 6.36
N THR B 53 -23.91 -20.38 5.37
CA THR B 53 -25.22 -19.90 4.93
C THR B 53 -26.25 -20.04 6.04
N LYS B 54 -25.95 -20.88 7.02
CA LYS B 54 -26.89 -21.15 8.10
C LYS B 54 -26.56 -20.32 9.35
N ILE B 55 -25.57 -19.44 9.24
CA ILE B 55 -25.18 -18.61 10.38
C ILE B 55 -25.49 -17.13 10.09
N PRO B 56 -26.56 -16.62 10.73
CA PRO B 56 -26.94 -15.22 10.52
C PRO B 56 -25.76 -14.32 10.78
N ASN B 57 -25.57 -13.31 9.93
CA ASN B 57 -24.51 -12.32 10.10
C ASN B 57 -23.09 -12.87 9.93
N PHE B 58 -22.99 -14.16 9.57
CA PHE B 58 -21.68 -14.71 9.28
C PHE B 58 -21.36 -14.40 7.83
N PRO B 59 -20.09 -14.07 7.57
CA PRO B 59 -19.70 -13.76 6.20
C PRO B 59 -19.97 -14.98 5.31
N GLN B 60 -20.33 -14.72 4.05
CA GLN B 60 -20.54 -15.78 3.08
C GLN B 60 -19.40 -15.85 2.06
N THR B 61 -18.88 -17.06 1.85
CA THR B 61 -17.89 -17.39 0.84
C THR B 61 -18.47 -18.63 0.20
N SER B 67 -20.91 -22.75 -0.61
CA SER B 67 -20.80 -22.21 0.73
C SER B 67 -19.77 -22.92 1.59
N GLY B 68 -18.90 -22.12 2.21
CA GLY B 68 -17.98 -22.65 3.19
C GLY B 68 -18.69 -23.22 4.41
N ASN B 69 -17.96 -24.03 5.15
CA ASN B 69 -18.48 -24.66 6.36
C ASN B 69 -17.65 -24.40 7.58
N LEU B 70 -18.33 -24.29 8.72
CA LEU B 70 -17.70 -24.27 10.01
C LEU B 70 -17.86 -25.72 10.49
N ILE B 71 -16.76 -26.38 10.76
CA ILE B 71 -16.84 -27.76 11.19
C ILE B 71 -16.38 -27.96 12.63
N PHE B 72 -17.29 -28.43 13.47
CA PHE B 72 -16.95 -28.70 14.85
C PHE B 72 -16.83 -30.19 15.05
N GLY B 73 -15.96 -30.59 15.96
CA GLY B 73 -15.80 -31.97 16.31
C GLY B 73 -14.49 -32.14 17.05
N THR B 74 -14.01 -33.37 17.14
CA THR B 74 -12.74 -33.58 17.78
C THR B 74 -11.71 -34.08 16.80
N LEU B 75 -10.47 -33.75 17.07
CA LEU B 75 -9.36 -34.14 16.23
C LEU B 75 -8.28 -34.47 17.22
N SER B 76 -7.73 -35.67 17.12
CA SER B 76 -6.68 -36.07 18.05
C SER B 76 -7.13 -35.74 19.46
N GLY B 77 -8.39 -36.03 19.76
CA GLY B 77 -8.89 -35.89 21.11
C GLY B 77 -9.02 -34.46 21.59
N ARG B 78 -9.04 -33.52 20.64
CA ARG B 78 -9.19 -32.12 21.00
C ARG B 78 -10.38 -31.53 20.26
N LYS B 79 -11.12 -30.66 20.93
CA LYS B 79 -12.26 -29.99 20.32
C LYS B 79 -11.77 -28.92 19.35
N VAL B 80 -12.25 -28.98 18.13
CA VAL B 80 -11.77 -28.08 17.11
C VAL B 80 -12.90 -27.46 16.35
N VAL B 81 -12.65 -26.26 15.85
CA VAL B 81 -13.51 -25.64 14.87
C VAL B 81 -12.64 -25.47 13.65
N VAL B 82 -13.14 -25.94 12.51
CA VAL B 82 -12.41 -25.86 11.27
C VAL B 82 -13.13 -24.95 10.30
N MET B 83 -12.44 -23.93 9.81
CA MET B 83 -13.00 -23.11 8.76
C MET B 83 -12.72 -23.71 7.41
N GLN B 84 -13.79 -24.07 6.72
CA GLN B 84 -13.65 -24.59 5.38
C GLN B 84 -14.19 -23.53 4.45
N GLY B 85 -13.30 -22.70 3.93
CA GLY B 85 -13.72 -21.53 3.18
C GLY B 85 -13.21 -20.28 3.87
N ARG B 86 -12.24 -19.63 3.26
CA ARG B 86 -11.66 -18.42 3.82
C ARG B 86 -12.11 -17.21 3.06
N PHE B 87 -11.85 -16.05 3.65
CA PHE B 87 -12.20 -14.79 3.03
C PHE B 87 -10.91 -14.07 2.69
N HIS B 88 -10.55 -14.17 1.41
CA HIS B 88 -9.35 -13.52 0.93
C HIS B 88 -9.65 -12.08 0.55
N MET B 89 -8.76 -11.19 0.96
CA MET B 89 -8.94 -9.78 0.69
C MET B 89 -9.02 -9.46 -0.81
N TYR B 90 -8.33 -10.25 -1.64
CA TYR B 90 -8.33 -10.01 -3.07
C TYR B 90 -9.74 -10.21 -3.63
N GLU B 91 -10.58 -10.95 -2.89
CA GLU B 91 -11.96 -11.17 -3.33
C GLU B 91 -12.80 -9.90 -3.11
N GLY B 92 -12.30 -8.98 -2.28
CA GLY B 92 -13.01 -7.75 -2.00
C GLY B 92 -13.71 -7.74 -0.64
N TYR B 93 -13.46 -8.76 0.16
CA TYR B 93 -14.03 -8.80 1.50
C TYR B 93 -13.46 -7.66 2.32
N SER B 94 -14.28 -7.17 3.24
CA SER B 94 -13.88 -6.08 4.10
C SER B 94 -13.03 -6.59 5.27
N ASN B 95 -12.36 -5.66 5.94
CA ASN B 95 -11.67 -5.97 7.16
C ASN B 95 -12.58 -6.67 8.17
N ASP B 96 -13.77 -6.14 8.36
CA ASP B 96 -14.72 -6.72 9.30
C ASP B 96 -15.16 -8.11 8.88
N THR B 97 -15.35 -8.34 7.59
CA THR B 97 -15.73 -9.66 7.15
C THR B 97 -14.63 -10.66 7.45
N VAL B 98 -13.39 -10.27 7.25
CA VAL B 98 -12.30 -11.22 7.46
C VAL B 98 -12.05 -11.41 8.94
N ALA B 99 -12.26 -10.36 9.71
CA ALA B 99 -11.96 -10.42 11.13
C ALA B 99 -13.02 -11.20 11.87
N LEU B 100 -14.27 -11.12 11.41
CA LEU B 100 -15.36 -11.64 12.21
C LEU B 100 -15.20 -13.10 12.62
N PRO B 101 -14.86 -13.98 11.67
CA PRO B 101 -14.82 -15.40 12.04
C PRO B 101 -13.77 -15.71 13.08
N ILE B 102 -12.66 -14.98 13.06
CA ILE B 102 -11.59 -15.19 14.04
C ILE B 102 -12.09 -14.74 15.40
N ARG B 103 -12.72 -13.57 15.44
CA ARG B 103 -13.27 -13.08 16.70
C ARG B 103 -14.40 -13.98 17.19
N VAL B 104 -15.14 -14.57 16.25
CA VAL B 104 -16.15 -15.54 16.62
C VAL B 104 -15.48 -16.74 17.25
N MET B 105 -14.37 -17.19 16.66
CA MET B 105 -13.60 -18.28 17.25
C MET B 105 -13.13 -17.94 18.67
N LYS B 106 -12.75 -16.70 18.87
CA LYS B 106 -12.28 -16.28 20.15
C LYS B 106 -13.40 -16.47 21.16
N LEU B 107 -14.60 -16.00 20.81
CA LEU B 107 -15.73 -16.11 21.71
C LEU B 107 -16.16 -17.56 21.92
N LEU B 108 -15.95 -18.40 20.91
CA LEU B 108 -16.30 -19.81 21.03
C LEU B 108 -15.36 -20.60 21.92
N GLY B 109 -14.21 -20.01 22.25
CA GLY B 109 -13.28 -20.69 23.13
C GLY B 109 -11.94 -21.00 22.52
N VAL B 110 -11.80 -20.76 21.21
CA VAL B 110 -10.54 -21.02 20.52
C VAL B 110 -9.37 -20.33 21.20
N LYS B 111 -8.32 -21.09 21.47
CA LYS B 111 -7.11 -20.55 22.10
C LYS B 111 -5.94 -20.62 21.13
N ILE B 112 -5.99 -21.57 20.21
CA ILE B 112 -4.95 -21.74 19.22
C ILE B 112 -5.53 -21.74 17.83
N LEU B 113 -4.99 -20.90 16.96
CA LEU B 113 -5.39 -20.87 15.56
C LEU B 113 -4.31 -21.53 14.72
N MET B 114 -4.68 -22.58 14.01
CA MET B 114 -3.77 -23.23 13.10
C MET B 114 -4.22 -22.94 11.69
N VAL B 115 -3.34 -22.42 10.88
CA VAL B 115 -3.72 -22.07 9.53
C VAL B 115 -2.67 -22.53 8.52
N SER B 116 -3.15 -22.95 7.36
CA SER B 116 -2.25 -23.26 6.26
C SER B 116 -2.63 -22.39 5.09
N ASN B 117 -1.71 -22.27 4.15
CA ASN B 117 -2.00 -21.55 2.94
C ASN B 117 -1.09 -22.11 1.87
N ALA B 118 -1.32 -21.70 0.64
CA ALA B 118 -0.43 -21.98 -0.47
C ALA B 118 0.42 -20.74 -0.67
N ALA B 119 1.67 -20.93 -0.98
CA ALA B 119 2.57 -19.81 -1.13
C ALA B 119 3.57 -20.08 -2.25
N GLY B 120 4.11 -19.01 -2.81
CA GLY B 120 5.20 -19.11 -3.76
C GLY B 120 6.48 -19.17 -2.97
N GLY B 121 7.33 -20.12 -3.32
CA GLY B 121 8.64 -20.20 -2.69
C GLY B 121 9.57 -19.17 -3.26
N LEU B 122 9.92 -18.18 -2.45
CA LEU B 122 10.89 -17.18 -2.87
C LEU B 122 12.26 -17.69 -2.55
N ASN B 123 12.42 -18.15 -1.31
CA ASN B 123 13.70 -18.67 -0.85
C ASN B 123 14.19 -19.75 -1.82
N ARG B 124 15.43 -19.60 -2.28
CA ARG B 124 15.93 -20.44 -3.36
C ARG B 124 16.21 -21.86 -2.92
N SER B 125 16.15 -22.08 -1.62
CA SER B 125 16.42 -23.39 -1.06
C SER B 125 15.13 -24.18 -0.89
N LEU B 126 14.00 -23.57 -1.22
CA LEU B 126 12.72 -24.26 -1.07
C LEU B 126 12.43 -25.20 -2.24
N LYS B 127 11.72 -26.29 -1.94
CA LYS B 127 11.32 -27.22 -2.98
C LYS B 127 9.80 -27.21 -3.04
N LEU B 128 9.27 -27.43 -4.23
CA LEU B 128 7.86 -27.64 -4.42
C LEU B 128 7.36 -28.61 -3.36
N GLY B 129 6.23 -28.31 -2.74
CA GLY B 129 5.66 -29.16 -1.72
C GLY B 129 6.37 -29.14 -0.38
N ASP B 130 7.36 -28.27 -0.21
CA ASP B 130 7.90 -28.06 1.13
C ASP B 130 6.88 -27.35 2.01
N PHE B 131 7.06 -27.51 3.32
CA PHE B 131 6.25 -26.82 4.30
C PHE B 131 7.09 -25.73 4.87
N VAL B 132 6.58 -24.51 4.83
CA VAL B 132 7.27 -23.42 5.46
C VAL B 132 6.38 -22.94 6.56
N ILE B 133 6.79 -23.27 7.78
CA ILE B 133 6.17 -22.73 8.97
C ILE B 133 6.44 -21.24 9.00
N LEU B 134 5.41 -20.43 9.18
CA LEU B 134 5.59 -19.01 9.34
C LEU B 134 6.21 -18.76 10.71
N LYS B 135 7.38 -18.13 10.75
CA LYS B 135 7.93 -17.64 11.99
C LYS B 135 7.82 -16.12 12.06
N ASP B 136 7.47 -15.51 10.94
CA ASP B 136 7.25 -14.07 10.91
C ASP B 136 6.61 -13.74 9.58
N HIS B 137 6.17 -12.49 9.45
CA HIS B 137 5.56 -12.07 8.21
C HIS B 137 5.90 -10.62 7.88
N ILE B 138 5.66 -10.27 6.63
CA ILE B 138 5.75 -8.89 6.19
C ILE B 138 4.42 -8.60 5.56
N TYR B 139 3.71 -7.68 6.19
CA TYR B 139 2.31 -7.44 5.88
C TYR B 139 2.27 -6.22 5.01
N LEU B 140 2.56 -6.40 3.73
CA LEU B 140 2.70 -5.26 2.84
C LEU B 140 1.44 -4.42 2.83
N PRO B 141 0.27 -5.06 2.68
CA PRO B 141 -0.97 -4.28 2.77
C PRO B 141 -1.07 -3.51 4.08
N GLY B 142 -0.64 -4.12 5.17
CA GLY B 142 -0.70 -3.50 6.48
C GLY B 142 0.23 -2.31 6.61
N LEU B 143 1.42 -2.43 6.05
CA LEU B 143 2.37 -1.32 6.07
C LEU B 143 1.83 -0.17 5.23
N GLY B 144 1.03 -0.52 4.22
CA GLY B 144 0.55 0.43 3.25
C GLY B 144 -0.84 0.96 3.50
N LEU B 145 -1.30 0.84 4.74
CA LEU B 145 -2.59 1.43 5.15
C LEU B 145 -3.81 0.56 4.84
N ASN B 146 -3.57 -0.70 4.45
CA ASN B 146 -4.65 -1.68 4.37
C ASN B 146 -4.59 -2.78 5.42
N ASN B 147 -4.11 -2.43 6.60
CA ASN B 147 -4.12 -3.34 7.74
C ASN B 147 -5.55 -3.65 8.14
N ILE B 148 -5.83 -4.92 8.39
CA ILE B 148 -7.18 -5.34 8.74
C ILE B 148 -7.71 -4.61 9.99
N LEU B 149 -6.81 -4.07 10.81
CA LEU B 149 -7.23 -3.42 12.05
C LEU B 149 -7.51 -1.93 11.87
N VAL B 150 -7.23 -1.40 10.69
CA VAL B 150 -7.54 -0.01 10.43
C VAL B 150 -9.02 0.22 10.69
N GLY B 151 -9.32 1.33 11.34
CA GLY B 151 -10.67 1.64 11.73
C GLY B 151 -10.70 1.74 13.24
N PRO B 152 -11.88 2.03 13.79
CA PRO B 152 -12.02 2.04 15.25
C PRO B 152 -11.56 0.71 15.83
N ASN B 153 -10.74 0.76 16.87
CA ASN B 153 -10.37 -0.46 17.53
C ASN B 153 -11.56 -1.05 18.28
N GLN B 154 -11.74 -2.35 18.18
CA GLN B 154 -12.76 -3.04 18.96
C GLN B 154 -12.11 -3.48 20.25
N GLU B 155 -12.30 -2.66 21.29
CA GLU B 155 -11.60 -2.82 22.56
C GLU B 155 -11.88 -4.17 23.20
N ALA B 156 -13.11 -4.65 23.04
CA ALA B 156 -13.49 -5.92 23.63
C ALA B 156 -12.53 -7.04 23.24
N PHE B 157 -11.96 -6.92 22.04
CA PHE B 157 -11.15 -8.01 21.49
C PHE B 157 -9.67 -7.82 21.72
N GLY B 158 -9.22 -6.59 21.68
CA GLY B 158 -7.80 -6.35 21.83
C GLY B 158 -7.43 -4.89 21.81
N THR B 159 -6.14 -4.63 21.89
CA THR B 159 -5.62 -3.28 22.09
C THR B 159 -5.54 -2.48 20.77
N ARG B 160 -5.44 -1.17 20.86
CA ARG B 160 -5.35 -0.34 19.66
C ARG B 160 -4.10 -0.65 18.82
N PHE B 161 -2.96 -0.83 19.49
CA PHE B 161 -1.68 -1.08 18.85
C PHE B 161 -1.11 -2.45 19.22
N PRO B 162 -1.63 -3.51 18.61
CA PRO B 162 -1.13 -4.83 18.96
C PRO B 162 0.35 -4.98 18.57
N ALA B 163 1.11 -5.59 19.47
CA ALA B 163 2.47 -5.99 19.16
C ALA B 163 2.42 -7.34 18.45
N LEU B 164 3.25 -7.51 17.42
CA LEU B 164 3.25 -8.75 16.65
C LEU B 164 4.48 -9.58 16.96
N SER B 165 5.04 -9.35 18.13
CA SER B 165 6.11 -10.19 18.67
C SER B 165 5.56 -11.58 18.97
N ASN B 166 6.31 -12.59 18.55
CA ASN B 166 5.91 -13.97 18.78
C ASN B 166 4.51 -14.19 18.22
N ALA B 167 4.20 -13.48 17.14
CA ALA B 167 2.94 -13.67 16.45
C ALA B 167 2.81 -15.15 16.09
N TYR B 168 3.88 -15.73 15.60
CA TYR B 168 3.86 -17.14 15.26
C TYR B 168 4.50 -17.91 16.40
N ASP B 169 3.62 -18.32 17.32
CA ASP B 169 4.06 -18.85 18.60
C ASP B 169 5.27 -19.77 18.48
N ARG B 170 6.40 -19.33 19.04
CA ARG B 170 7.63 -20.11 18.98
C ARG B 170 7.49 -21.53 19.54
N ASP B 171 6.70 -21.69 20.59
CA ASP B 171 6.49 -23.03 21.15
C ASP B 171 5.74 -23.90 20.17
N LEU B 172 4.74 -23.34 19.51
CA LEU B 172 3.96 -24.11 18.57
C LEU B 172 4.88 -24.47 17.40
N ARG B 173 5.77 -23.55 17.06
CA ARG B 173 6.62 -23.77 15.91
C ARG B 173 7.59 -24.89 16.23
N LYS B 174 8.13 -24.85 17.44
CA LYS B 174 9.02 -25.89 17.92
C LYS B 174 8.32 -27.23 17.88
N LEU B 175 7.11 -27.26 18.41
CA LEU B 175 6.32 -28.47 18.42
C LEU B 175 6.12 -29.01 17.01
N ALA B 176 5.64 -28.15 16.10
CA ALA B 176 5.40 -28.59 14.71
C ALA B 176 6.65 -29.22 14.10
N VAL B 177 7.80 -28.63 14.37
CA VAL B 177 9.06 -29.09 13.84
C VAL B 177 9.39 -30.46 14.41
N GLN B 178 9.21 -30.60 15.72
CA GLN B 178 9.46 -31.87 16.37
C GLN B 178 8.56 -32.95 15.79
N VAL B 179 7.28 -32.60 15.58
CA VAL B 179 6.33 -33.58 15.08
C VAL B 179 6.72 -34.00 13.68
N ALA B 180 7.12 -33.04 12.85
CA ALA B 180 7.63 -33.37 11.52
C ALA B 180 8.83 -34.29 11.62
N GLU B 181 9.82 -33.89 12.43
CA GLU B 181 11.03 -34.67 12.63
C GLU B 181 10.70 -36.10 13.01
N GLU B 182 9.82 -36.26 13.99
CA GLU B 182 9.51 -37.56 14.56
C GLU B 182 8.81 -38.46 13.56
N ASN B 183 8.03 -37.86 12.68
CA ASN B 183 7.26 -38.63 11.73
C ASN B 183 7.91 -38.64 10.35
N GLY B 184 9.19 -38.31 10.32
CA GLY B 184 10.03 -38.56 9.17
C GLY B 184 9.89 -37.61 8.00
N PHE B 185 9.45 -36.39 8.25
CA PHE B 185 9.41 -35.42 7.16
C PHE B 185 9.95 -34.06 7.58
N GLY B 186 10.87 -34.08 8.53
CA GLY B 186 11.57 -32.87 8.92
C GLY B 186 12.24 -32.22 7.72
N ASN B 187 12.61 -33.03 6.73
CA ASN B 187 13.32 -32.53 5.56
C ASN B 187 12.47 -31.62 4.70
N LEU B 188 11.16 -31.70 4.85
CA LEU B 188 10.25 -30.92 4.07
C LEU B 188 9.94 -29.61 4.78
N VAL B 189 10.36 -29.53 6.04
CA VAL B 189 9.86 -28.47 6.91
C VAL B 189 10.89 -27.38 7.12
N HIS B 190 10.48 -26.14 6.84
CA HIS B 190 11.31 -24.97 7.03
C HIS B 190 10.53 -23.98 7.85
N GLN B 191 11.23 -23.00 8.41
CA GLN B 191 10.59 -21.85 9.03
C GLN B 191 11.00 -20.64 8.24
N GLY B 192 10.09 -19.71 8.05
CA GLY B 192 10.36 -18.64 7.13
C GLY B 192 9.47 -17.45 7.34
N VAL B 193 9.83 -16.38 6.65
CA VAL B 193 9.05 -15.16 6.65
C VAL B 193 8.09 -15.21 5.48
N TYR B 194 6.81 -15.04 5.79
CA TYR B 194 5.77 -14.96 4.77
C TYR B 194 5.46 -13.50 4.51
N VAL B 195 5.51 -13.10 3.25
CA VAL B 195 5.07 -11.78 2.88
C VAL B 195 3.74 -11.90 2.14
N MET B 196 2.83 -11.03 2.48
CA MET B 196 1.54 -11.04 1.84
C MET B 196 1.57 -10.11 0.64
N ASN B 197 1.26 -10.66 -0.52
CA ASN B 197 0.89 -9.85 -1.66
C ASN B 197 -0.63 -9.83 -1.66
N GLY B 198 -1.20 -8.63 -1.66
CA GLY B 198 -2.63 -8.48 -1.69
C GLY B 198 -3.33 -9.24 -2.79
N GLY B 199 -2.66 -9.38 -3.95
CA GLY B 199 -3.18 -10.19 -5.04
C GLY B 199 -4.31 -9.51 -5.77
N PRO B 200 -4.94 -10.22 -6.72
CA PRO B 200 -4.81 -11.65 -6.97
C PRO B 200 -3.78 -11.99 -8.03
N CYS B 201 -3.09 -11.00 -8.58
CA CYS B 201 -2.02 -11.31 -9.52
C CYS B 201 -0.92 -12.08 -8.79
N TYR B 202 -0.39 -13.11 -9.44
CA TYR B 202 0.87 -13.67 -9.03
C TYR B 202 1.92 -12.60 -9.13
N GLU B 203 3.00 -12.76 -8.39
CA GLU B 203 4.05 -11.75 -8.37
C GLU B 203 4.89 -11.80 -9.64
N THR B 204 5.22 -10.63 -10.18
CA THR B 204 6.15 -10.58 -11.30
C THR B 204 7.52 -11.07 -10.81
N PRO B 205 8.40 -11.42 -11.75
CA PRO B 205 9.75 -11.80 -11.35
C PRO B 205 10.42 -10.65 -10.61
N ALA B 206 10.17 -9.40 -11.03
CA ALA B 206 10.79 -8.26 -10.34
C ALA B 206 10.25 -8.17 -8.92
N GLU B 207 8.97 -8.45 -8.75
CA GLU B 207 8.38 -8.40 -7.43
C GLU B 207 8.96 -9.50 -6.53
N CYS B 208 9.13 -10.69 -7.09
CA CYS B 208 9.68 -11.82 -6.35
C CYS B 208 11.10 -11.54 -5.91
N THR B 209 11.90 -11.03 -6.84
CA THR B 209 13.27 -10.68 -6.54
C THR B 209 13.31 -9.68 -5.39
N MET B 210 12.51 -8.63 -5.49
CA MET B 210 12.44 -7.63 -4.43
C MET B 210 12.04 -8.24 -3.10
N LEU B 211 10.98 -9.06 -3.14
CA LEU B 211 10.48 -9.69 -1.93
C LEU B 211 11.53 -10.63 -1.32
N LEU B 212 12.23 -11.37 -2.16
CA LEU B 212 13.30 -12.22 -1.69
C LEU B 212 14.36 -11.37 -1.01
N ASN B 213 14.79 -10.31 -1.67
CA ASN B 213 15.85 -9.47 -1.12
C ASN B 213 15.39 -8.73 0.12
N MET B 214 14.07 -8.59 0.28
CA MET B 214 13.51 -8.00 1.49
C MET B 214 13.59 -8.97 2.66
N GLY B 215 14.06 -10.19 2.40
CA GLY B 215 14.14 -11.23 3.41
C GLY B 215 12.87 -12.08 3.52
N CYS B 216 12.08 -12.12 2.45
CA CYS B 216 10.90 -12.97 2.43
C CYS B 216 11.22 -14.36 1.88
N ASP B 217 10.61 -15.38 2.45
CA ASP B 217 10.88 -16.75 2.03
C ASP B 217 9.76 -17.29 1.18
N VAL B 218 8.54 -16.92 1.54
CA VAL B 218 7.37 -17.33 0.79
C VAL B 218 6.43 -16.14 0.64
N VAL B 219 5.62 -16.15 -0.42
CA VAL B 219 4.71 -15.07 -0.69
C VAL B 219 3.31 -15.64 -0.98
N GLY B 220 2.29 -15.02 -0.41
CA GLY B 220 0.95 -15.47 -0.63
C GLY B 220 -0.01 -14.32 -0.47
N MET B 221 -1.30 -14.60 -0.60
CA MET B 221 -2.31 -13.57 -0.63
C MET B 221 -3.27 -13.68 0.55
N SER B 222 -2.87 -14.40 1.58
CA SER B 222 -3.79 -14.71 2.65
C SER B 222 -3.14 -14.67 4.03
N THR B 223 -3.92 -15.09 5.03
CA THR B 223 -3.39 -15.49 6.32
C THR B 223 -2.98 -14.33 7.24
N ILE B 224 -2.12 -13.42 6.79
CA ILE B 224 -1.69 -12.35 7.68
C ILE B 224 -2.86 -11.63 8.34
N PRO B 225 -3.89 -11.28 7.56
CA PRO B 225 -5.01 -10.56 8.17
C PRO B 225 -5.66 -11.38 9.28
N GLU B 226 -5.85 -12.68 9.07
CA GLU B 226 -6.39 -13.54 10.12
C GLU B 226 -5.42 -13.63 11.28
N VAL B 227 -4.15 -13.75 10.97
CA VAL B 227 -3.15 -13.81 12.03
C VAL B 227 -3.22 -12.54 12.88
N VAL B 228 -3.31 -11.40 12.21
CA VAL B 228 -3.35 -10.12 12.90
C VAL B 228 -4.55 -10.02 13.84
N ILE B 229 -5.73 -10.38 13.36
CA ILE B 229 -6.93 -10.44 14.18
C ILE B 229 -6.80 -11.43 15.33
N ALA B 230 -6.20 -12.58 15.06
CA ALA B 230 -6.03 -13.62 16.06
C ALA B 230 -5.13 -13.11 17.17
N ARG B 231 -3.98 -12.59 16.77
CA ARG B 231 -3.02 -12.04 17.71
C ARG B 231 -3.65 -10.90 18.50
N HIS B 232 -4.36 -10.04 17.79
CA HIS B 232 -5.02 -8.92 18.41
C HIS B 232 -5.95 -9.37 19.54
N CYS B 233 -6.64 -10.51 19.38
CA CYS B 233 -7.53 -10.98 20.45
C CYS B 233 -6.91 -12.09 21.32
N GLY B 234 -5.59 -12.21 21.28
CA GLY B 234 -4.86 -13.13 22.13
C GLY B 234 -4.91 -14.59 21.76
N ILE B 235 -5.38 -14.92 20.55
CA ILE B 235 -5.34 -16.31 20.11
C ILE B 235 -3.92 -16.65 19.67
N GLN B 236 -3.38 -17.74 20.18
CA GLN B 236 -2.05 -18.15 19.71
C GLN B 236 -2.15 -18.67 18.30
N VAL B 237 -1.12 -18.42 17.50
CA VAL B 237 -1.17 -18.73 16.08
C VAL B 237 -0.08 -19.72 15.65
N PHE B 238 -0.49 -20.71 14.85
CA PHE B 238 0.43 -21.54 14.11
C PHE B 238 0.02 -21.48 12.65
N ALA B 239 0.99 -21.21 11.78
CA ALA B 239 0.69 -21.07 10.36
C ALA B 239 1.78 -21.73 9.55
N VAL B 240 1.36 -22.44 8.52
CA VAL B 240 2.28 -23.08 7.60
C VAL B 240 1.90 -22.76 6.17
N SER B 241 2.91 -22.48 5.37
CA SER B 241 2.73 -22.33 3.94
C SER B 241 3.13 -23.65 3.26
N LEU B 242 2.28 -24.10 2.37
CA LEU B 242 2.70 -25.15 1.47
C LEU B 242 3.32 -24.46 0.26
N VAL B 243 4.55 -24.83 -0.09
CA VAL B 243 5.18 -24.22 -1.26
C VAL B 243 4.56 -24.88 -2.47
N THR B 244 3.59 -24.20 -3.08
CA THR B 244 2.85 -24.76 -4.21
C THR B 244 3.42 -24.37 -5.56
N ASN B 245 4.35 -23.42 -5.56
CA ASN B 245 5.12 -23.08 -6.76
C ASN B 245 6.38 -22.38 -6.35
N ILE B 246 7.42 -22.51 -7.17
CA ILE B 246 8.67 -21.81 -6.96
C ILE B 246 8.57 -20.52 -7.73
N SER B 247 8.79 -19.41 -7.04
CA SER B 247 8.66 -18.12 -7.67
C SER B 247 9.68 -17.98 -8.79
N VAL B 248 9.24 -17.48 -9.92
CA VAL B 248 10.15 -17.12 -10.98
C VAL B 248 10.73 -15.74 -10.69
N LEU B 249 12.06 -15.65 -10.65
CA LEU B 249 12.75 -14.41 -10.33
C LEU B 249 13.29 -13.73 -11.57
N ASP B 250 13.30 -14.48 -12.67
CA ASP B 250 13.88 -14.06 -13.93
C ASP B 250 12.76 -13.82 -14.95
N VAL B 251 12.67 -12.59 -15.45
CA VAL B 251 11.65 -12.26 -16.44
C VAL B 251 11.91 -12.97 -17.76
N GLU B 252 13.17 -13.28 -18.02
CA GLU B 252 13.50 -14.08 -19.17
C GLU B 252 13.43 -15.55 -18.78
N HIS B 259 7.37 -25.44 -23.15
CA HIS B 259 7.80 -26.80 -22.87
C HIS B 259 7.03 -27.41 -21.71
N GLU B 260 5.97 -28.15 -22.03
CA GLU B 260 5.12 -28.75 -21.02
C GLU B 260 5.40 -30.23 -20.84
N GLU B 261 5.27 -30.71 -19.61
CA GLU B 261 5.58 -32.09 -19.26
C GLU B 261 4.39 -32.75 -18.54
N VAL B 262 4.44 -34.07 -18.38
CA VAL B 262 3.46 -34.78 -17.57
C VAL B 262 3.61 -34.34 -16.11
N LEU B 263 2.58 -33.69 -15.59
CA LEU B 263 2.65 -33.18 -14.22
C LEU B 263 1.68 -33.87 -13.29
N ALA B 264 2.20 -34.41 -12.20
CA ALA B 264 1.35 -34.89 -11.12
C ALA B 264 1.15 -33.77 -10.11
N THR B 265 -0.11 -33.36 -9.96
CA THR B 265 -0.52 -32.46 -8.88
C THR B 265 -1.45 -33.23 -7.92
N GLY B 266 -0.87 -34.13 -7.14
CA GLY B 266 -1.61 -34.91 -6.18
C GLY B 266 -1.84 -34.21 -4.85
N ALA B 267 -2.98 -34.52 -4.23
CA ALA B 267 -3.32 -33.95 -2.93
C ALA B 267 -2.62 -34.74 -1.83
N GLN B 268 -1.41 -35.19 -2.13
CA GLN B 268 -0.61 -35.82 -1.11
C GLN B 268 0.00 -34.81 -0.17
N ARG B 269 0.11 -33.52 -0.56
CA ARG B 269 0.64 -32.76 0.52
C ARG B 269 -0.45 -32.62 1.53
N ALA B 270 -1.70 -32.55 1.06
CA ALA B 270 -2.84 -32.47 1.96
C ALA B 270 -2.84 -33.58 3.01
N GLU B 271 -2.59 -34.81 2.59
CA GLU B 271 -2.66 -35.93 3.50
C GLU B 271 -1.57 -35.73 4.53
N LEU B 272 -0.37 -35.44 4.03
CA LEU B 272 0.77 -35.24 4.90
C LEU B 272 0.46 -34.10 5.88
N MET B 273 -0.06 -33.03 5.33
CA MET B 273 -0.32 -31.86 6.13
C MET B 273 -1.44 -32.09 7.13
N GLN B 274 -2.43 -32.88 6.73
CA GLN B 274 -3.52 -33.23 7.64
C GLN B 274 -2.91 -34.00 8.78
N SER B 275 -2.15 -35.04 8.46
CA SER B 275 -1.50 -35.87 9.45
C SER B 275 -0.65 -35.00 10.38
N TRP B 276 0.15 -34.13 9.79
CA TRP B 276 1.00 -33.23 10.56
C TRP B 276 0.18 -32.43 11.56
N PHE B 277 -0.90 -31.84 11.08
CA PHE B 277 -1.75 -31.03 11.95
C PHE B 277 -2.35 -31.88 13.07
N GLU B 278 -2.90 -33.04 12.73
CA GLU B 278 -3.47 -33.94 13.70
C GLU B 278 -2.44 -34.35 14.76
N LYS B 279 -1.22 -34.60 14.33
CA LYS B 279 -0.18 -35.01 15.27
C LYS B 279 0.31 -33.84 16.12
N ILE B 280 0.27 -32.63 15.57
CA ILE B 280 0.56 -31.44 16.36
C ILE B 280 -0.53 -31.22 17.39
N ILE B 281 -1.78 -31.25 16.95
CA ILE B 281 -2.90 -31.07 17.84
C ILE B 281 -2.83 -32.07 19.00
N GLU B 282 -2.50 -33.32 18.67
CA GLU B 282 -2.38 -34.38 19.67
C GLU B 282 -1.39 -34.01 20.76
N LYS B 283 -0.32 -33.30 20.40
CA LYS B 283 0.71 -32.99 21.38
C LYS B 283 0.59 -31.60 21.98
N LEU B 284 -0.44 -30.86 21.59
CA LEU B 284 -0.63 -29.54 22.17
C LEU B 284 -0.93 -29.73 23.62
N PRO B 285 -0.36 -28.87 24.47
CA PRO B 285 -0.63 -28.93 25.90
C PRO B 285 -2.10 -28.64 26.13
N LYS B 286 -2.70 -29.31 27.11
CA LYS B 286 -4.10 -29.08 27.41
C LYS B 286 -4.24 -28.54 28.84
N ASP B 287 -5.48 -28.39 29.28
CA ASP B 287 -5.76 -27.79 30.58
C ASP B 287 -6.71 -28.67 31.39
N SER C 4 -20.16 5.07 -10.97
CA SER C 4 -19.36 3.86 -10.87
C SER C 4 -19.98 2.70 -11.67
N VAL C 5 -19.31 2.29 -12.75
CA VAL C 5 -19.84 1.21 -13.59
C VAL C 5 -18.88 0.03 -13.62
N THR C 6 -19.33 -1.11 -13.09
CA THR C 6 -18.49 -2.30 -13.01
C THR C 6 -17.98 -2.74 -14.38
N ALA C 7 -16.69 -3.05 -14.45
CA ALA C 7 -16.08 -3.49 -15.69
C ALA C 7 -16.37 -4.96 -15.93
N ASN C 8 -17.65 -5.32 -15.89
CA ASN C 8 -18.07 -6.68 -16.17
C ASN C 8 -18.43 -6.86 -17.64
N ILE C 9 -18.67 -8.11 -18.05
CA ILE C 9 -18.90 -8.39 -19.46
C ILE C 9 -20.06 -7.56 -20.02
N GLU C 10 -21.10 -7.40 -19.20
CA GLU C 10 -22.31 -6.75 -19.64
C GLU C 10 -22.12 -5.28 -19.96
N ASN C 11 -21.45 -4.56 -19.06
CA ASN C 11 -21.20 -3.13 -19.26
C ASN C 11 -20.15 -2.89 -20.34
N VAL C 12 -19.10 -3.69 -20.33
CA VAL C 12 -18.05 -3.61 -21.34
C VAL C 12 -18.63 -3.84 -22.73
N LYS C 13 -19.56 -4.79 -22.84
CA LYS C 13 -20.21 -5.09 -24.11
C LYS C 13 -21.01 -3.89 -24.57
N LYS C 14 -21.77 -3.32 -23.65
CA LYS C 14 -22.59 -2.14 -23.96
C LYS C 14 -21.74 -1.02 -24.55
N VAL C 15 -20.64 -0.70 -23.88
CA VAL C 15 -19.78 0.37 -24.36
C VAL C 15 -19.16 -0.02 -25.70
N ALA C 16 -18.61 -1.22 -25.77
CA ALA C 16 -18.04 -1.71 -27.02
C ALA C 16 -19.06 -1.61 -28.14
N HIS C 17 -20.29 -2.06 -27.88
CA HIS C 17 -21.31 -2.07 -28.93
C HIS C 17 -21.63 -0.65 -29.36
N HIS C 18 -21.67 0.25 -28.41
CA HIS C 18 -21.91 1.64 -28.75
C HIS C 18 -20.82 2.18 -29.67
N ILE C 19 -19.58 1.91 -29.30
CA ILE C 19 -18.45 2.37 -30.09
C ILE C 19 -18.51 1.78 -31.49
N GLN C 20 -18.93 0.53 -31.58
CA GLN C 20 -19.00 -0.16 -32.86
C GLN C 20 -20.08 0.42 -33.76
N LYS C 21 -20.99 1.17 -33.16
CA LYS C 21 -22.02 1.86 -33.91
C LYS C 21 -21.52 3.20 -34.44
N LEU C 22 -20.37 3.65 -33.93
CA LEU C 22 -19.78 4.93 -34.32
C LEU C 22 -18.64 4.76 -35.30
N THR C 23 -18.00 3.61 -35.27
CA THR C 23 -16.88 3.36 -36.17
C THR C 23 -16.96 1.96 -36.75
N SER C 24 -16.42 1.81 -37.94
CA SER C 24 -16.39 0.51 -38.58
C SER C 24 -15.02 -0.10 -38.32
N ILE C 25 -14.10 0.72 -37.84
CA ILE C 25 -12.74 0.28 -37.55
C ILE C 25 -12.68 -0.75 -36.42
N VAL C 26 -12.22 -1.95 -36.74
CA VAL C 26 -11.95 -2.98 -35.75
C VAL C 26 -10.48 -2.90 -35.42
N PRO C 27 -10.16 -2.33 -34.25
CA PRO C 27 -8.76 -2.07 -33.89
C PRO C 27 -8.04 -3.36 -33.56
N GLU C 28 -6.83 -3.52 -34.05
CA GLU C 28 -6.03 -4.68 -33.68
C GLU C 28 -5.06 -4.26 -32.60
N ILE C 29 -4.75 -2.98 -32.63
CA ILE C 29 -3.76 -2.41 -31.72
C ILE C 29 -4.40 -1.27 -30.95
N GLY C 30 -4.22 -1.29 -29.63
CA GLY C 30 -4.67 -0.24 -28.76
C GLY C 30 -3.44 0.50 -28.29
N ILE C 31 -3.53 1.81 -28.22
CA ILE C 31 -2.42 2.63 -27.80
C ILE C 31 -2.90 3.59 -26.75
N ILE C 32 -2.26 3.53 -25.59
CA ILE C 32 -2.54 4.49 -24.54
C ILE C 32 -1.45 5.54 -24.57
N CYS C 33 -1.83 6.76 -24.93
CA CYS C 33 -0.89 7.86 -25.06
C CYS C 33 -0.47 8.33 -23.68
N GLY C 34 0.81 8.24 -23.40
CA GLY C 34 1.28 8.77 -22.14
C GLY C 34 1.96 10.09 -22.33
N SER C 35 3.29 10.03 -22.38
CA SER C 35 4.11 11.20 -22.55
C SER C 35 4.94 10.83 -23.72
N GLY C 36 5.14 11.78 -24.61
CA GLY C 36 5.75 11.47 -25.89
C GLY C 36 4.71 11.03 -26.90
N LEU C 37 3.54 10.62 -26.45
CA LEU C 37 2.59 10.09 -27.41
C LEU C 37 1.49 11.05 -27.75
N GLY C 38 1.54 12.26 -27.21
CA GLY C 38 0.48 13.19 -27.52
C GLY C 38 0.31 13.26 -29.02
N LYS C 39 1.45 13.19 -29.70
CA LYS C 39 1.50 13.28 -31.15
C LYS C 39 0.94 12.07 -31.89
N LEU C 40 1.10 10.90 -31.31
CA LEU C 40 0.70 9.67 -31.97
C LEU C 40 -0.66 9.81 -32.63
N ALA C 41 -1.67 10.19 -31.85
CA ALA C 41 -3.02 10.38 -32.39
C ALA C 41 -3.06 11.14 -33.72
N ASP C 42 -2.23 12.18 -33.82
CA ASP C 42 -2.14 13.01 -35.01
C ASP C 42 -1.77 12.23 -36.28
N GLY C 43 -0.93 11.21 -36.14
CA GLY C 43 -0.48 10.45 -37.29
C GLY C 43 -1.51 9.47 -37.80
N VAL C 44 -2.57 9.29 -37.02
CA VAL C 44 -3.61 8.32 -37.35
C VAL C 44 -4.36 8.80 -38.58
N LYS C 45 -4.54 7.90 -39.53
CA LYS C 45 -5.19 8.22 -40.77
C LYS C 45 -6.59 7.63 -40.82
N ASP C 46 -7.46 8.23 -41.64
CA ASP C 46 -8.83 7.76 -41.79
C ASP C 46 -9.44 7.58 -40.41
N LYS C 47 -9.27 8.58 -39.57
CA LYS C 47 -9.59 8.41 -38.18
C LYS C 47 -10.94 8.96 -37.78
N ILE C 48 -11.54 8.29 -36.80
CA ILE C 48 -12.74 8.80 -36.16
C ILE C 48 -12.30 9.17 -34.77
N THR C 49 -12.67 10.37 -34.34
CA THR C 49 -12.37 10.76 -32.97
C THR C 49 -13.65 10.74 -32.15
N ILE C 50 -13.67 9.86 -31.15
CA ILE C 50 -14.83 9.71 -30.30
C ILE C 50 -14.52 10.20 -28.90
N PRO C 51 -14.98 11.40 -28.55
CA PRO C 51 -14.72 11.91 -27.20
C PRO C 51 -15.37 11.00 -26.18
N TYR C 52 -14.75 10.84 -25.02
CA TYR C 52 -15.29 9.92 -24.02
C TYR C 52 -16.68 10.36 -23.63
N THR C 53 -16.93 11.66 -23.74
CA THR C 53 -18.21 12.23 -23.36
C THR C 53 -19.36 11.70 -24.19
N LYS C 54 -19.03 11.17 -25.36
CA LYS C 54 -20.03 10.67 -26.29
C LYS C 54 -20.22 9.16 -26.18
N ILE C 55 -19.55 8.55 -25.21
CA ILE C 55 -19.67 7.10 -25.02
C ILE C 55 -20.36 6.79 -23.70
N PRO C 56 -21.62 6.39 -23.76
CA PRO C 56 -22.37 6.09 -22.52
C PRO C 56 -21.62 5.06 -21.70
N ASN C 57 -21.58 5.28 -20.40
CA ASN C 57 -20.95 4.35 -19.46
C ASN C 57 -19.44 4.25 -19.61
N PHE C 58 -18.87 5.08 -20.48
CA PHE C 58 -17.43 5.16 -20.56
C PHE C 58 -16.94 6.14 -19.50
N PRO C 59 -15.83 5.79 -18.84
CA PRO C 59 -15.27 6.69 -17.84
C PRO C 59 -14.93 8.03 -18.45
N GLN C 60 -15.11 9.09 -17.67
CA GLN C 60 -14.76 10.44 -18.08
C GLN C 60 -13.45 10.92 -17.46
N THR C 61 -12.57 11.47 -18.29
CA THR C 61 -11.36 12.10 -17.80
C THR C 61 -11.31 13.57 -18.27
N SER C 62 -10.37 14.34 -17.81
CA SER C 62 -10.16 15.47 -18.66
C SER C 62 -8.76 15.96 -18.54
N VAL C 63 -8.28 16.51 -19.63
CA VAL C 63 -7.16 17.37 -19.51
C VAL C 63 -7.71 18.79 -19.39
N VAL C 64 -7.77 19.25 -18.15
CA VAL C 64 -8.23 20.59 -17.87
C VAL C 64 -9.55 20.85 -18.56
N GLY C 65 -10.55 20.03 -18.24
CA GLY C 65 -11.88 20.22 -18.80
C GLY C 65 -12.08 19.62 -20.19
N HIS C 66 -10.99 19.36 -20.89
CA HIS C 66 -11.09 18.76 -22.22
C HIS C 66 -11.11 17.24 -22.12
N SER C 67 -12.30 16.70 -22.26
CA SER C 67 -12.54 15.27 -22.42
C SER C 67 -11.52 14.52 -23.26
N GLY C 68 -11.09 13.38 -22.74
CA GLY C 68 -10.28 12.46 -23.51
C GLY C 68 -11.03 11.91 -24.72
N ASN C 69 -10.25 11.41 -25.67
CA ASN C 69 -10.80 10.88 -26.90
C ASN C 69 -10.34 9.45 -27.15
N LEU C 70 -11.23 8.69 -27.78
CA LEU C 70 -10.89 7.40 -28.32
C LEU C 70 -10.71 7.68 -29.79
N ILE C 71 -9.54 7.34 -30.32
CA ILE C 71 -9.28 7.62 -31.71
C ILE C 71 -9.10 6.37 -32.52
N PHE C 72 -9.97 6.16 -33.49
CA PHE C 72 -9.84 5.01 -34.37
C PHE C 72 -9.31 5.46 -35.72
N GLY C 73 -8.57 4.57 -36.36
CA GLY C 73 -8.02 4.85 -37.67
C GLY C 73 -6.94 3.84 -37.95
N THR C 74 -6.08 4.16 -38.92
CA THR C 74 -4.97 3.28 -39.21
C THR C 74 -3.68 4.00 -38.92
N LEU C 75 -2.66 3.21 -38.63
CA LEU C 75 -1.35 3.74 -38.35
C LEU C 75 -0.41 2.72 -38.95
N SER C 76 0.46 3.15 -39.83
CA SER C 76 1.36 2.21 -40.49
C SER C 76 0.57 1.02 -41.00
N GLY C 77 -0.60 1.31 -41.60
CA GLY C 77 -1.39 0.27 -42.24
C GLY C 77 -2.04 -0.72 -41.29
N ARG C 78 -2.15 -0.34 -40.02
CA ARG C 78 -2.80 -1.21 -39.04
C ARG C 78 -3.91 -0.46 -38.35
N LYS C 79 -5.01 -1.16 -38.09
CA LYS C 79 -6.16 -0.58 -37.43
C LYS C 79 -5.84 -0.37 -35.95
N VAL C 80 -6.05 0.85 -35.49
CA VAL C 80 -5.68 1.15 -34.13
C VAL C 80 -6.83 1.85 -33.41
N VAL C 81 -6.83 1.68 -32.10
CA VAL C 81 -7.63 2.51 -31.23
C VAL C 81 -6.64 3.20 -30.29
N VAL C 82 -6.72 4.51 -30.21
CA VAL C 82 -5.79 5.28 -29.41
C VAL C 82 -6.54 5.94 -28.28
N MET C 83 -6.12 5.66 -27.05
CA MET C 83 -6.67 6.38 -25.90
C MET C 83 -5.92 7.68 -25.67
N GLN C 84 -6.65 8.78 -25.84
CA GLN C 84 -6.09 10.08 -25.56
C GLN C 84 -6.76 10.58 -24.30
N GLY C 85 -6.12 10.31 -23.17
CA GLY C 85 -6.74 10.59 -21.89
C GLY C 85 -6.79 9.31 -21.09
N ARG C 86 -5.96 9.22 -20.06
CA ARG C 86 -5.89 8.03 -19.24
C ARG C 86 -6.54 8.27 -17.89
N PHE C 87 -6.74 7.19 -17.15
CA PHE C 87 -7.32 7.27 -15.83
C PHE C 87 -6.28 6.84 -14.82
N HIS C 88 -5.63 7.83 -14.23
CA HIS C 88 -4.62 7.55 -13.22
C HIS C 88 -5.27 7.37 -11.87
N MET C 89 -4.83 6.34 -11.16
CA MET C 89 -5.38 6.04 -9.86
C MET C 89 -5.24 7.18 -8.86
N TYR C 90 -4.17 7.96 -8.97
CA TYR C 90 -3.98 9.09 -8.05
C TYR C 90 -5.10 10.12 -8.21
N GLU C 91 -5.77 10.11 -9.35
CA GLU C 91 -6.94 10.97 -9.54
C GLU C 91 -8.15 10.50 -8.71
N GLY C 92 -8.14 9.25 -8.30
CA GLY C 92 -9.21 8.71 -7.49
C GLY C 92 -10.13 7.79 -8.27
N TYR C 93 -9.76 7.49 -9.50
CA TYR C 93 -10.57 6.60 -10.31
C TYR C 93 -10.59 5.22 -9.68
N SER C 94 -11.69 4.51 -9.89
CA SER C 94 -11.83 3.17 -9.35
C SER C 94 -11.12 2.15 -10.21
N ASN C 95 -10.94 0.96 -9.64
CA ASN C 95 -10.44 -0.16 -10.41
C ASN C 95 -11.28 -0.38 -11.68
N ASP C 96 -12.60 -0.43 -11.52
CA ASP C 96 -13.50 -0.62 -12.65
C ASP C 96 -13.38 0.50 -13.68
N THR C 97 -13.24 1.75 -13.24
CA THR C 97 -13.07 2.83 -14.19
C THR C 97 -11.81 2.64 -15.02
N VAL C 98 -10.72 2.23 -14.37
CA VAL C 98 -9.47 2.08 -15.09
C VAL C 98 -9.49 0.85 -15.99
N ALA C 99 -10.15 -0.20 -15.52
CA ALA C 99 -10.13 -1.46 -16.23
C ALA C 99 -11.03 -1.40 -17.44
N LEU C 100 -12.13 -0.65 -17.36
CA LEU C 100 -13.15 -0.73 -18.40
C LEU C 100 -12.64 -0.46 -19.81
N PRO C 101 -11.88 0.61 -20.00
CA PRO C 101 -11.45 0.88 -21.37
C PRO C 101 -10.59 -0.23 -21.98
N ILE C 102 -9.76 -0.89 -21.16
CA ILE C 102 -8.91 -1.95 -21.65
C ILE C 102 -9.78 -3.14 -22.03
N ARG C 103 -10.76 -3.45 -21.19
CA ARG C 103 -11.67 -4.55 -21.51
C ARG C 103 -12.51 -4.20 -22.71
N VAL C 104 -12.83 -2.92 -22.87
CA VAL C 104 -13.55 -2.47 -24.06
C VAL C 104 -12.67 -2.71 -25.28
N MET C 105 -11.39 -2.37 -25.17
CA MET C 105 -10.44 -2.62 -26.26
C MET C 105 -10.42 -4.11 -26.59
N LYS C 106 -10.45 -4.95 -25.58
CA LYS C 106 -10.46 -6.38 -25.78
C LYS C 106 -11.65 -6.77 -26.66
N LEU C 107 -12.84 -6.33 -26.28
CA LEU C 107 -14.02 -6.65 -27.04
C LEU C 107 -14.00 -6.02 -28.43
N LEU C 108 -13.33 -4.89 -28.59
CA LEU C 108 -13.26 -4.24 -29.89
C LEU C 108 -12.32 -4.96 -30.85
N GLY C 109 -11.49 -5.84 -30.32
CA GLY C 109 -10.60 -6.61 -31.16
C GLY C 109 -9.12 -6.37 -30.90
N VAL C 110 -8.82 -5.47 -29.98
CA VAL C 110 -7.44 -5.21 -29.64
C VAL C 110 -6.69 -6.47 -29.22
N LYS C 111 -5.54 -6.72 -29.84
CA LYS C 111 -4.70 -7.85 -29.50
C LYS C 111 -3.39 -7.41 -28.86
N ILE C 112 -2.99 -6.18 -29.14
CA ILE C 112 -1.75 -5.62 -28.63
C ILE C 112 -2.02 -4.28 -28.04
N LEU C 113 -1.58 -4.10 -26.80
CA LEU C 113 -1.67 -2.81 -26.14
C LEU C 113 -0.29 -2.17 -26.10
N MET C 114 -0.17 -0.99 -26.69
CA MET C 114 1.08 -0.24 -26.61
C MET C 114 0.81 0.95 -25.74
N VAL C 115 1.63 1.12 -24.71
CA VAL C 115 1.46 2.24 -23.81
C VAL C 115 2.78 2.92 -23.52
N SER C 116 2.74 4.25 -23.40
CA SER C 116 3.90 4.99 -22.92
C SER C 116 3.52 5.69 -21.62
N ASN C 117 4.52 6.09 -20.86
CA ASN C 117 4.28 6.90 -19.69
C ASN C 117 5.50 7.74 -19.44
N ALA C 118 5.38 8.65 -18.46
CA ALA C 118 6.51 9.44 -18.04
C ALA C 118 7.00 8.78 -16.79
N ALA C 119 8.30 8.76 -16.58
CA ALA C 119 8.81 8.11 -15.40
C ALA C 119 10.05 8.82 -14.91
N GLY C 120 10.33 8.66 -13.63
CA GLY C 120 11.57 9.12 -13.06
C GLY C 120 12.60 8.06 -13.31
N GLY C 121 13.77 8.49 -13.76
CA GLY C 121 14.88 7.60 -13.96
C GLY C 121 15.56 7.30 -12.64
N LEU C 122 15.43 6.09 -12.15
CA LEU C 122 16.08 5.68 -10.91
C LEU C 122 17.45 5.15 -11.25
N ASN C 123 17.48 4.27 -12.25
CA ASN C 123 18.73 3.69 -12.70
C ASN C 123 19.72 4.80 -13.02
N ARG C 124 20.92 4.71 -12.47
CA ARG C 124 21.86 5.82 -12.53
C ARG C 124 22.48 5.94 -13.91
N SER C 125 22.20 4.96 -14.76
CA SER C 125 22.74 5.00 -16.11
C SER C 125 21.76 5.62 -17.09
N LEU C 126 20.57 5.97 -16.61
CA LEU C 126 19.58 6.62 -17.50
C LEU C 126 19.85 8.10 -17.72
N LYS C 127 19.46 8.59 -18.89
CA LYS C 127 19.61 9.98 -19.25
C LYS C 127 18.23 10.53 -19.51
N LEU C 128 18.03 11.80 -19.14
CA LEU C 128 16.80 12.51 -19.47
C LEU C 128 16.42 12.20 -20.91
N GLY C 129 15.16 11.88 -21.14
CA GLY C 129 14.66 11.60 -22.47
C GLY C 129 15.02 10.23 -23.01
N ASP C 130 15.61 9.37 -22.19
CA ASP C 130 15.82 7.99 -22.58
C ASP C 130 14.48 7.28 -22.62
N PHE C 131 14.44 6.21 -23.40
CA PHE C 131 13.26 5.36 -23.47
C PHE C 131 13.55 4.10 -22.70
N VAL C 132 12.75 3.82 -21.70
CA VAL C 132 12.90 2.58 -21.00
C VAL C 132 11.70 1.71 -21.28
N ILE C 133 11.94 0.69 -22.09
CA ILE C 133 10.95 -0.32 -22.37
C ILE C 133 10.74 -1.10 -21.08
N LEU C 134 9.50 -1.22 -20.65
CA LEU C 134 9.19 -2.07 -19.51
C LEU C 134 9.40 -3.53 -19.88
N LYS C 135 10.29 -4.20 -19.17
CA LYS C 135 10.40 -5.63 -19.30
C LYS C 135 9.82 -6.31 -18.05
N ASP C 136 9.52 -5.53 -17.03
CA ASP C 136 8.89 -6.06 -15.84
C ASP C 136 8.48 -4.89 -15.00
N HIS C 137 7.69 -5.16 -13.97
CA HIS C 137 7.25 -4.10 -13.10
C HIS C 137 7.16 -4.56 -11.65
N ILE C 138 7.07 -3.58 -10.77
CA ILE C 138 6.80 -3.82 -9.37
C ILE C 138 5.61 -2.96 -9.03
N TYR C 139 4.53 -3.65 -8.71
CA TYR C 139 3.22 -3.05 -8.58
C TYR C 139 3.00 -2.84 -7.08
N LEU C 140 3.63 -1.82 -6.53
CA LEU C 140 3.56 -1.58 -5.10
C LEU C 140 2.12 -1.51 -4.62
N PRO C 141 1.27 -0.72 -5.29
CA PRO C 141 -0.15 -0.75 -4.91
C PRO C 141 -0.75 -2.16 -4.95
N GLY C 142 -0.38 -2.94 -5.98
CA GLY C 142 -0.89 -4.29 -6.10
C GLY C 142 -0.44 -5.19 -4.98
N LEU C 143 0.81 -5.05 -4.56
CA LEU C 143 1.33 -5.87 -3.48
C LEU C 143 0.64 -5.48 -2.19
N GLY C 144 0.19 -4.23 -2.15
CA GLY C 144 -0.32 -3.64 -0.93
C GLY C 144 -1.84 -3.63 -0.80
N LEU C 145 -2.49 -4.45 -1.60
CA LEU C 145 -3.93 -4.63 -1.54
C LEU C 145 -4.71 -3.58 -2.31
N ASN C 146 -4.03 -2.83 -3.16
CA ASN C 146 -4.72 -1.97 -4.11
C ASN C 146 -4.51 -2.40 -5.55
N ASN C 147 -4.42 -3.71 -5.78
CA ASN C 147 -4.38 -4.26 -7.13
C ASN C 147 -5.69 -3.97 -7.85
N ILE C 148 -5.60 -3.56 -9.10
CA ILE C 148 -6.81 -3.23 -9.86
C ILE C 148 -7.77 -4.43 -9.95
N LEU C 149 -7.26 -5.64 -9.73
CA LEU C 149 -8.12 -6.82 -9.92
C LEU C 149 -8.81 -7.22 -8.63
N VAL C 150 -8.51 -6.51 -7.55
CA VAL C 150 -9.16 -6.81 -6.31
C VAL C 150 -10.65 -6.65 -6.48
N GLY C 151 -11.41 -7.61 -5.95
CA GLY C 151 -12.83 -7.59 -6.10
C GLY C 151 -13.19 -8.88 -6.79
N PRO C 152 -14.49 -9.11 -7.01
CA PRO C 152 -14.93 -10.28 -7.77
C PRO C 152 -14.17 -10.33 -9.09
N ASN C 153 -13.62 -11.49 -9.43
CA ASN C 153 -13.05 -11.66 -10.75
C ASN C 153 -14.14 -11.61 -11.82
N GLN C 154 -13.89 -10.88 -12.90
CA GLN C 154 -14.78 -10.92 -14.05
C GLN C 154 -14.32 -12.03 -14.98
N GLU C 155 -14.93 -13.20 -14.83
CA GLU C 155 -14.51 -14.41 -15.50
C GLU C 155 -14.46 -14.27 -17.00
N ALA C 156 -15.39 -13.48 -17.54
CA ALA C 156 -15.51 -13.29 -18.98
C ALA C 156 -14.20 -12.80 -19.58
N PHE C 157 -13.45 -12.06 -18.78
CA PHE C 157 -12.24 -11.41 -19.25
C PHE C 157 -10.96 -12.14 -18.94
N GLY C 158 -10.89 -12.77 -17.77
CA GLY C 158 -9.71 -13.52 -17.44
C GLY C 158 -9.83 -14.24 -16.14
N THR C 159 -8.73 -14.83 -15.71
CA THR C 159 -8.73 -15.78 -14.61
C THR C 159 -8.62 -15.05 -13.27
N ARG C 160 -8.96 -15.71 -12.18
CA ARG C 160 -8.86 -15.11 -10.85
C ARG C 160 -7.44 -14.71 -10.46
N PHE C 161 -6.47 -15.58 -10.75
CA PHE C 161 -5.08 -15.32 -10.42
C PHE C 161 -4.21 -15.26 -11.68
N PRO C 162 -4.19 -14.10 -12.34
CA PRO C 162 -3.43 -14.02 -13.57
C PRO C 162 -1.94 -14.13 -13.27
N ALA C 163 -1.23 -14.86 -14.10
CA ALA C 163 0.23 -14.86 -14.05
C ALA C 163 0.74 -13.65 -14.81
N LEU C 164 1.79 -13.03 -14.29
CA LEU C 164 2.36 -11.85 -14.95
C LEU C 164 3.70 -12.17 -15.58
N SER C 165 3.91 -13.44 -15.88
CA SER C 165 5.05 -13.84 -16.70
C SER C 165 4.89 -13.34 -18.13
N ASN C 166 5.98 -12.80 -18.67
CA ASN C 166 5.97 -12.24 -19.99
C ASN C 166 4.85 -11.22 -20.09
N ALA C 167 4.60 -10.49 -19.01
CA ALA C 167 3.65 -9.38 -19.03
C ALA C 167 4.03 -8.41 -20.12
N TYR C 168 5.32 -8.11 -20.18
CA TYR C 168 5.83 -7.25 -21.23
C TYR C 168 6.40 -8.09 -22.35
N ASP C 169 5.52 -8.40 -23.29
CA ASP C 169 5.82 -9.36 -24.34
C ASP C 169 7.26 -9.24 -24.86
N ARG C 170 8.03 -10.30 -24.68
CA ARG C 170 9.45 -10.29 -25.01
C ARG C 170 9.67 -10.09 -26.51
N ASP C 171 8.79 -10.64 -27.33
CA ASP C 171 8.90 -10.45 -28.76
C ASP C 171 8.65 -9.00 -29.15
N LEU C 172 7.67 -8.37 -28.52
CA LEU C 172 7.38 -6.97 -28.81
C LEU C 172 8.55 -6.13 -28.33
N ARG C 173 9.14 -6.51 -27.20
CA ARG C 173 10.28 -5.77 -26.68
C ARG C 173 11.43 -5.88 -27.66
N LYS C 174 11.69 -7.10 -28.12
CA LYS C 174 12.76 -7.37 -29.06
C LYS C 174 12.57 -6.50 -30.31
N LEU C 175 11.35 -6.51 -30.84
CA LEU C 175 10.96 -5.73 -32.00
C LEU C 175 11.23 -4.23 -31.79
N ALA C 176 10.71 -3.68 -30.69
CA ALA C 176 10.92 -2.28 -30.37
C ALA C 176 12.40 -1.90 -30.36
N VAL C 177 13.21 -2.77 -29.80
CA VAL C 177 14.64 -2.51 -29.70
C VAL C 177 15.28 -2.52 -31.08
N GLN C 178 14.92 -3.52 -31.89
CA GLN C 178 15.39 -3.59 -33.26
C GLN C 178 14.99 -2.32 -34.03
N VAL C 179 13.75 -1.89 -33.88
CA VAL C 179 13.28 -0.74 -34.62
C VAL C 179 14.05 0.49 -34.19
N ALA C 180 14.30 0.62 -32.90
CA ALA C 180 15.12 1.73 -32.41
C ALA C 180 16.51 1.65 -33.02
N GLU C 181 17.13 0.48 -32.91
CA GLU C 181 18.46 0.22 -33.48
C GLU C 181 18.52 0.63 -34.94
N GLU C 182 17.55 0.17 -35.72
CA GLU C 182 17.57 0.36 -37.17
C GLU C 182 17.39 1.82 -37.54
N ASN C 183 16.68 2.57 -36.71
CA ASN C 183 16.38 3.94 -37.04
C ASN C 183 17.26 4.90 -36.25
N GLY C 184 18.36 4.36 -35.73
CA GLY C 184 19.45 5.17 -35.22
C GLY C 184 19.26 5.78 -33.86
N PHE C 185 18.43 5.18 -33.02
CA PHE C 185 18.32 5.69 -31.66
C PHE C 185 18.28 4.56 -30.64
N GLY C 186 18.95 3.46 -30.98
CA GLY C 186 19.14 2.39 -30.03
C GLY C 186 19.79 2.86 -28.75
N ASN C 187 20.62 3.90 -28.84
CA ASN C 187 21.36 4.42 -27.70
C ASN C 187 20.44 5.02 -26.64
N LEU C 188 19.22 5.36 -27.03
CA LEU C 188 18.30 6.00 -26.11
C LEU C 188 17.46 4.95 -25.44
N VAL C 189 17.56 3.73 -25.92
CA VAL C 189 16.58 2.71 -25.56
C VAL C 189 17.15 1.70 -24.60
N HIS C 190 16.46 1.53 -23.48
CA HIS C 190 16.83 0.59 -22.44
C HIS C 190 15.64 -0.30 -22.18
N GLN C 191 15.88 -1.40 -21.49
CA GLN C 191 14.79 -2.17 -20.93
C GLN C 191 14.97 -2.19 -19.44
N GLY C 192 13.87 -2.17 -18.72
CA GLY C 192 13.97 -1.99 -17.29
C GLY C 192 12.73 -2.37 -16.55
N VAL C 193 12.86 -2.34 -15.23
CA VAL C 193 11.77 -2.60 -14.32
C VAL C 193 11.13 -1.29 -13.94
N TYR C 194 9.83 -1.19 -14.15
CA TYR C 194 9.07 -0.02 -13.77
C TYR C 194 8.38 -0.33 -12.45
N VAL C 195 8.53 0.57 -11.48
CA VAL C 195 7.80 0.42 -10.24
C VAL C 195 6.76 1.52 -10.20
N MET C 196 5.57 1.17 -9.75
CA MET C 196 4.52 2.15 -9.65
C MET C 196 4.47 2.73 -8.26
N ASN C 197 4.60 4.04 -8.20
CA ASN C 197 4.22 4.79 -7.02
C ASN C 197 2.80 5.27 -7.26
N GLY C 198 1.90 4.95 -6.34
CA GLY C 198 0.52 5.38 -6.45
C GLY C 198 0.37 6.88 -6.69
N GLY C 199 1.24 7.67 -6.07
CA GLY C 199 1.28 9.10 -6.28
C GLY C 199 0.13 9.77 -5.57
N PRO C 200 -0.04 11.09 -5.81
CA PRO C 200 0.59 11.88 -6.87
C PRO C 200 1.87 12.59 -6.44
N CYS C 201 2.31 12.39 -5.20
CA CYS C 201 3.59 12.96 -4.81
C CYS C 201 4.70 12.33 -5.62
N TYR C 202 5.62 13.14 -6.11
CA TYR C 202 6.89 12.62 -6.57
C TYR C 202 7.54 11.87 -5.42
N GLU C 203 8.45 10.95 -5.74
CA GLU C 203 9.12 10.16 -4.71
C GLU C 203 10.19 10.97 -3.94
N THR C 204 10.22 10.81 -2.64
CA THR C 204 11.30 11.41 -1.87
C THR C 204 12.61 10.77 -2.30
N PRO C 205 13.74 11.44 -2.00
CA PRO C 205 15.03 10.82 -2.27
C PRO C 205 15.16 9.48 -1.56
N ALA C 206 14.62 9.36 -0.35
CA ALA C 206 14.70 8.09 0.39
C ALA C 206 13.88 7.03 -0.32
N GLU C 207 12.72 7.41 -0.83
CA GLU C 207 11.90 6.48 -1.60
C GLU C 207 12.60 6.02 -2.87
N CYS C 208 13.20 6.97 -3.59
CA CYS C 208 13.95 6.65 -4.80
C CYS C 208 15.10 5.71 -4.52
N THR C 209 15.85 6.01 -3.47
CA THR C 209 16.97 5.15 -3.09
C THR C 209 16.48 3.75 -2.81
N MET C 210 15.41 3.65 -2.04
CA MET C 210 14.82 2.34 -1.75
C MET C 210 14.40 1.61 -3.01
N LEU C 211 13.65 2.31 -3.86
CA LEU C 211 13.13 1.73 -5.08
C LEU C 211 14.27 1.27 -5.97
N LEU C 212 15.31 2.10 -6.08
CA LEU C 212 16.48 1.73 -6.86
C LEU C 212 17.08 0.45 -6.31
N ASN C 213 17.30 0.41 -5.00
CA ASN C 213 17.89 -0.77 -4.38
C ASN C 213 16.98 -1.99 -4.46
N MET C 214 15.69 -1.78 -4.64
CA MET C 214 14.75 -2.87 -4.87
C MET C 214 14.90 -3.45 -6.26
N GLY C 215 15.76 -2.86 -7.08
CA GLY C 215 15.93 -3.28 -8.46
C GLY C 215 15.02 -2.57 -9.46
N CYS C 216 14.52 -1.40 -9.10
CA CYS C 216 13.68 -0.61 -10.00
C CYS C 216 14.52 0.33 -10.84
N ASP C 217 14.15 0.49 -12.12
CA ASP C 217 14.90 1.36 -13.01
C ASP C 217 14.21 2.68 -13.22
N VAL C 218 12.89 2.62 -13.34
CA VAL C 218 12.09 3.83 -13.47
C VAL C 218 10.90 3.72 -12.55
N VAL C 219 10.38 4.87 -12.14
CA VAL C 219 9.22 4.93 -11.28
C VAL C 219 8.17 5.87 -11.89
N GLY C 220 6.91 5.47 -11.83
CA GLY C 220 5.83 6.28 -12.32
C GLY C 220 4.54 5.99 -11.58
N MET C 221 3.47 6.63 -12.00
CA MET C 221 2.22 6.57 -11.26
C MET C 221 1.12 5.92 -12.07
N SER C 222 1.52 5.25 -13.15
CA SER C 222 0.55 4.85 -14.14
C SER C 222 0.88 3.47 -14.71
N THR C 223 0.10 3.08 -15.71
CA THR C 223 0.43 1.97 -16.56
C THR C 223 0.21 0.57 -15.98
N ILE C 224 0.81 0.25 -14.84
CA ILE C 224 0.70 -1.11 -14.32
C ILE C 224 -0.76 -1.56 -14.27
N PRO C 225 -1.64 -0.72 -13.73
CA PRO C 225 -3.03 -1.18 -13.62
C PRO C 225 -3.61 -1.55 -14.98
N GLU C 226 -3.32 -0.75 -16.00
CA GLU C 226 -3.77 -1.07 -17.34
C GLU C 226 -3.09 -2.34 -17.82
N VAL C 227 -1.80 -2.43 -17.58
CA VAL C 227 -1.10 -3.63 -18.01
C VAL C 227 -1.73 -4.87 -17.39
N VAL C 228 -2.05 -4.77 -16.10
CA VAL C 228 -2.59 -5.91 -15.38
C VAL C 228 -3.92 -6.34 -16.01
N ILE C 229 -4.78 -5.37 -16.29
CA ILE C 229 -6.06 -5.66 -16.91
C ILE C 229 -5.87 -6.24 -18.31
N ALA C 230 -4.92 -5.67 -19.03
CA ALA C 230 -4.62 -6.13 -20.38
C ALA C 230 -4.20 -7.60 -20.32
N ARG C 231 -3.24 -7.88 -19.46
CA ARG C 231 -2.69 -9.22 -19.36
C ARG C 231 -3.78 -10.17 -18.93
N HIS C 232 -4.59 -9.71 -17.99
CA HIS C 232 -5.67 -10.49 -17.45
C HIS C 232 -6.61 -10.95 -18.56
N CYS C 233 -6.87 -10.08 -19.54
CA CYS C 233 -7.75 -10.50 -20.64
C CYS C 233 -6.98 -10.95 -21.90
N GLY C 234 -5.70 -11.24 -21.74
CA GLY C 234 -4.90 -11.82 -22.80
C GLY C 234 -4.44 -10.86 -23.89
N ILE C 235 -4.50 -9.57 -23.62
CA ILE C 235 -3.96 -8.60 -24.56
C ILE C 235 -2.46 -8.55 -24.37
N GLN C 236 -1.72 -8.63 -25.47
CA GLN C 236 -0.28 -8.54 -25.39
C GLN C 236 0.12 -7.10 -25.15
N VAL C 237 1.17 -6.91 -24.35
CA VAL C 237 1.49 -5.57 -23.89
C VAL C 237 2.88 -5.11 -24.29
N PHE C 238 2.94 -3.89 -24.81
CA PHE C 238 4.21 -3.22 -24.97
C PHE C 238 4.13 -1.89 -24.25
N ALA C 239 5.11 -1.61 -23.42
CA ALA C 239 5.08 -0.39 -22.63
C ALA C 239 6.46 0.24 -22.57
N VAL C 240 6.50 1.57 -22.66
CA VAL C 240 7.75 2.28 -22.61
C VAL C 240 7.56 3.45 -21.68
N SER C 241 8.58 3.71 -20.88
CA SER C 241 8.67 4.88 -20.06
C SER C 241 9.60 5.84 -20.74
N LEU C 242 9.16 7.08 -20.86
CA LEU C 242 10.04 8.18 -21.21
C LEU C 242 10.65 8.65 -19.90
N VAL C 243 11.98 8.67 -19.81
CA VAL C 243 12.61 9.20 -18.61
C VAL C 243 12.49 10.71 -18.67
N THR C 244 11.54 11.25 -17.91
CA THR C 244 11.21 12.68 -17.96
C THR C 244 11.90 13.48 -16.89
N ASN C 245 12.52 12.77 -15.96
CA ASN C 245 13.34 13.38 -14.93
C ASN C 245 14.21 12.30 -14.31
N ILE C 246 15.36 12.71 -13.80
CA ILE C 246 16.25 11.80 -13.13
C ILE C 246 15.92 11.91 -11.68
N SER C 247 15.65 10.79 -11.04
CA SER C 247 15.24 10.80 -9.64
C SER C 247 16.37 11.32 -8.78
N VAL C 248 16.02 12.22 -7.87
CA VAL C 248 16.97 12.68 -6.87
C VAL C 248 17.02 11.68 -5.74
N LEU C 249 18.22 11.17 -5.46
CA LEU C 249 18.41 10.13 -4.45
C LEU C 249 18.93 10.71 -3.17
N ASP C 250 19.41 11.94 -3.26
CA ASP C 250 20.07 12.63 -2.17
C ASP C 250 19.18 13.74 -1.66
N VAL C 251 18.81 13.66 -0.38
CA VAL C 251 17.96 14.66 0.22
C VAL C 251 18.69 16.00 0.32
N GLU C 252 20.01 15.94 0.44
CA GLU C 252 20.80 17.16 0.43
C GLU C 252 21.05 17.45 -1.04
N SER C 253 20.16 18.27 -1.61
CA SER C 253 20.15 18.54 -3.06
C SER C 253 19.05 19.52 -3.49
N ASP C 254 19.42 20.47 -4.35
CA ASP C 254 18.49 21.48 -4.88
C ASP C 254 17.46 20.90 -5.86
N LEU C 255 17.89 20.00 -6.74
CA LEU C 255 17.09 19.59 -7.90
C LEU C 255 15.77 18.90 -7.56
N LYS C 256 14.65 19.50 -7.97
CA LYS C 256 13.33 18.99 -7.61
C LYS C 256 12.49 18.59 -8.83
N PRO C 257 11.83 17.42 -8.74
CA PRO C 257 10.91 16.99 -9.81
C PRO C 257 9.81 18.03 -10.01
N ASN C 258 9.34 18.22 -11.24
CA ASN C 258 8.22 19.12 -11.48
C ASN C 258 7.49 18.74 -12.74
N HIS C 259 6.17 18.82 -12.69
CA HIS C 259 5.37 18.26 -13.76
C HIS C 259 5.62 18.93 -15.10
N GLU C 260 5.97 20.20 -15.05
CA GLU C 260 6.13 21.02 -16.24
C GLU C 260 7.33 20.56 -17.04
N GLU C 261 8.42 20.29 -16.33
CA GLU C 261 9.57 19.72 -16.99
C GLU C 261 9.23 18.34 -17.55
N VAL C 262 8.47 17.57 -16.78
CA VAL C 262 8.03 16.28 -17.25
C VAL C 262 7.28 16.43 -18.57
N LEU C 263 6.35 17.37 -18.60
CA LEU C 263 5.59 17.63 -19.83
C LEU C 263 6.50 18.07 -20.96
N ALA C 264 7.59 18.73 -20.60
CA ALA C 264 8.48 19.31 -21.59
C ALA C 264 9.35 18.25 -22.23
N THR C 265 9.80 17.26 -21.46
CA THR C 265 10.53 16.14 -22.04
C THR C 265 9.62 15.29 -22.94
N GLY C 266 8.40 15.02 -22.50
CA GLY C 266 7.44 14.31 -23.33
C GLY C 266 7.25 15.07 -24.64
N ALA C 267 7.09 16.37 -24.53
CA ALA C 267 6.87 17.21 -25.71
C ALA C 267 8.01 17.08 -26.70
N GLN C 268 9.23 16.99 -26.16
CA GLN C 268 10.45 17.01 -26.98
C GLN C 268 10.76 15.67 -27.68
N ARG C 269 10.32 14.57 -27.09
CA ARG C 269 10.64 13.20 -27.49
C ARG C 269 9.45 12.58 -28.20
N ALA C 270 8.36 13.33 -28.19
CA ALA C 270 7.08 12.86 -28.70
C ALA C 270 7.17 12.48 -30.17
N GLU C 271 7.90 13.27 -30.93
CA GLU C 271 8.05 13.01 -32.35
C GLU C 271 8.81 11.71 -32.55
N LEU C 272 9.94 11.59 -31.86
CA LEU C 272 10.73 10.38 -31.89
C LEU C 272 9.90 9.19 -31.49
N MET C 273 9.18 9.33 -30.38
CA MET C 273 8.39 8.24 -29.82
C MET C 273 7.24 7.88 -30.74
N GLN C 274 6.66 8.89 -31.37
CA GLN C 274 5.58 8.65 -32.31
C GLN C 274 6.15 7.81 -33.43
N SER C 275 7.23 8.31 -34.02
CA SER C 275 7.91 7.60 -35.09
C SER C 275 8.25 6.16 -34.68
N TRP C 276 8.84 6.01 -33.49
CA TRP C 276 9.17 4.69 -32.97
C TRP C 276 7.95 3.78 -32.94
N PHE C 277 6.86 4.27 -32.36
CA PHE C 277 5.64 3.48 -32.28
C PHE C 277 5.12 3.09 -33.67
N GLU C 278 5.04 4.07 -34.56
CA GLU C 278 4.60 3.85 -35.94
C GLU C 278 5.44 2.80 -36.68
N LYS C 279 6.74 2.84 -36.44
CA LYS C 279 7.64 1.88 -37.05
C LYS C 279 7.56 0.50 -36.39
N ILE C 280 7.24 0.47 -35.09
CA ILE C 280 6.98 -0.80 -34.43
C ILE C 280 5.71 -1.41 -34.97
N ILE C 281 4.66 -0.60 -35.01
CA ILE C 281 3.37 -1.07 -35.49
C ILE C 281 3.51 -1.62 -36.90
N GLU C 282 4.29 -0.92 -37.72
CA GLU C 282 4.49 -1.33 -39.10
C GLU C 282 5.06 -2.73 -39.18
N LYS C 283 5.92 -3.09 -38.23
CA LYS C 283 6.57 -4.40 -38.29
C LYS C 283 5.92 -5.45 -37.42
N LEU C 284 4.82 -5.11 -36.76
CA LEU C 284 4.11 -6.12 -35.99
C LEU C 284 3.59 -7.17 -36.94
N PRO C 285 3.71 -8.44 -36.55
CA PRO C 285 3.18 -9.54 -37.38
C PRO C 285 1.68 -9.38 -37.52
N LYS C 286 1.13 -9.72 -38.68
CA LYS C 286 -0.30 -9.60 -38.90
C LYS C 286 -0.89 -10.99 -39.15
S DMS D . -6.70 15.79 -0.84
O DMS D . -7.48 17.15 -1.36
C1 DMS D . -6.81 15.58 0.96
C2 DMS D . -7.56 14.32 -1.51
S SO4 E . 2.15 10.19 17.75
O1 SO4 E . 1.62 9.41 18.87
O2 SO4 E . 1.07 10.90 17.07
O3 SO4 E . 2.80 9.30 16.78
O4 SO4 E . 3.12 11.17 18.26
CL6 6GU F . 8.31 0.68 16.87
N1 6GU F . 6.24 1.39 15.09
C2 6GU F . 5.08 2.24 14.67
N2 6GU F . 4.36 1.99 13.43
N3 6GU F . 4.62 3.37 15.50
C4 6GU F . 5.31 3.66 16.75
C5 6GU F . 6.46 2.83 17.18
C6 6GU F . 6.93 1.68 16.34
N7 6GU F . 6.92 3.37 18.43
C8 6GU F . 6.07 4.51 18.80
N9 6GU F . 5.07 4.69 17.76
S DMS G . 3.09 -0.89 0.12
O DMS G . 1.47 -0.58 0.19
C1 DMS G . 3.39 -2.36 -0.92
C2 DMS G . 3.92 0.50 -0.71
S DMS H . -11.07 -4.27 12.66
O DMS H . -12.05 -4.23 13.98
C1 DMS H . -11.31 -5.81 11.74
C2 DMS H . -11.42 -2.78 11.65
C ACT I . 1.32 -16.67 -4.51
O ACT I . 2.30 -16.99 -5.22
OXT ACT I . 1.15 -15.45 -4.25
CH3 ACT I . 0.37 -17.72 -4.00
S SO4 J . -4.70 -19.84 0.42
O1 SO4 J . -5.19 -19.48 -0.92
O2 SO4 J . -4.23 -21.23 0.44
O3 SO4 J . -5.79 -19.68 1.39
O4 SO4 J . -3.59 -18.96 0.79
S DMS K . -11.51 -5.67 -11.69
O DMS K . -12.57 -6.52 -12.64
C1 DMS K . -11.34 -4.01 -12.44
C2 DMS K . -12.16 -5.48 -10.01
CL6 6GU L . 9.93 11.03 -10.79
N1 6GU L . 7.63 9.61 -10.37
C2 6GU L . 6.28 9.12 -10.73
N2 6GU L . 5.58 8.29 -9.78
N3 6GU L . 5.68 9.44 -12.03
C4 6GU L . 6.42 10.28 -12.97
C5 6GU L . 7.76 10.78 -12.62
C6 6GU L . 8.35 10.43 -11.29
N7 6GU L . 8.24 11.57 -13.71
C8 6GU L . 7.21 11.58 -14.77
N9 6GU L . 6.09 10.76 -14.31
S SO4 M . 1.73 9.56 -17.98
O1 SO4 M . 0.35 9.16 -18.24
O2 SO4 M . 2.48 9.47 -19.24
O3 SO4 M . 2.34 8.65 -17.03
O4 SO4 M . 1.77 10.93 -17.48
#